data_6AAG
#
_entry.id   6AAG
#
_cell.length_a   90.468
_cell.length_b   61.650
_cell.length_c   100.112
_cell.angle_alpha   90.00
_cell.angle_beta   96.37
_cell.angle_gamma   90.00
#
_symmetry.space_group_name_H-M   'P 1 21 1'
#
loop_
_entity.id
_entity.type
_entity.pdbx_description
1 polymer 'Transmembrane protein 184 homolog YKR051W,Autophagy-related protein 8'
2 water water
#
_entity_poly.entity_id   1
_entity_poly.type   'polypeptide(L)'
_entity_poly.pdbx_seq_one_letter_code
;GPEESWEDDIAGQRTFPEDPNYPVMKSTFKSEYPFEKRKAESERIADRFPNRIPVICEKAEKSDIPEIDKRKYLVPADLT
VGQFVYVIRKRIMLPPEKAIFIFVNDTLPPTAALMSAIYQEHKDKDGFLYVTYSGENTFG
;
_entity_poly.pdbx_strand_id   A,B,C,D,E,F,G
#
# COMPACT_ATOMS: atom_id res chain seq x y z
N PRO A 2 -12.82 -16.90 -3.34
CA PRO A 2 -11.96 -16.22 -2.37
C PRO A 2 -10.61 -16.90 -2.29
N GLU A 3 -9.62 -16.33 -2.98
CA GLU A 3 -8.28 -16.90 -3.01
C GLU A 3 -7.24 -15.79 -2.93
N GLU A 4 -6.15 -16.06 -2.22
CA GLU A 4 -5.09 -15.07 -2.07
C GLU A 4 -4.36 -14.87 -3.38
N SER A 5 -4.20 -13.61 -3.78
CA SER A 5 -3.55 -13.26 -5.03
C SER A 5 -2.08 -12.95 -4.80
N TRP A 6 -1.29 -13.17 -5.85
CA TRP A 6 0.13 -12.85 -5.80
C TRP A 6 0.33 -11.37 -6.02
N GLU A 7 1.04 -10.73 -5.10
CA GLU A 7 1.30 -9.30 -5.14
C GLU A 7 2.80 -9.08 -4.99
N ASP A 8 3.33 -8.20 -5.85
CA ASP A 8 4.75 -7.86 -5.84
C ASP A 8 4.99 -6.74 -4.82
N ASP A 9 4.71 -7.08 -3.56
CA ASP A 9 4.68 -6.08 -2.49
C ASP A 9 5.95 -6.05 -1.66
N ILE A 10 6.97 -6.83 -2.02
CA ILE A 10 8.25 -6.81 -1.30
C ILE A 10 9.31 -6.04 -2.07
N ALA A 11 9.33 -6.15 -3.40
CA ALA A 11 10.43 -5.54 -4.16
C ALA A 11 10.39 -4.03 -4.08
N GLY A 12 9.21 -3.44 -4.04
CA GLY A 12 9.02 -2.01 -3.86
C GLY A 12 9.82 -1.33 -2.76
N GLN A 13 10.23 -2.10 -1.75
CA GLN A 13 10.69 -1.53 -0.49
C GLN A 13 11.93 -0.66 -0.68
N ARG A 14 12.03 0.39 0.14
CA ARG A 14 13.19 1.26 0.09
C ARG A 14 14.45 0.55 0.59
N THR A 15 14.29 -0.33 1.58
CA THR A 15 15.44 -1.01 2.19
C THR A 15 15.04 -2.45 2.49
N PHE A 16 16.03 -3.26 2.89
CA PHE A 16 15.84 -4.64 3.29
C PHE A 16 16.74 -5.02 4.47
N PRO A 17 16.31 -4.81 5.72
CA PRO A 17 17.18 -5.16 6.86
C PRO A 17 17.26 -6.66 7.14
N GLU A 18 18.35 -7.04 7.77
CA GLU A 18 18.49 -8.41 8.23
C GLU A 18 17.69 -8.63 9.50
N ASP A 19 17.21 -9.86 9.68
CA ASP A 19 16.46 -10.17 10.89
C ASP A 19 17.39 -10.00 12.10
N PRO A 20 16.91 -9.35 13.16
CA PRO A 20 17.77 -9.08 14.32
C PRO A 20 17.89 -10.25 15.28
N ASN A 21 17.09 -11.30 15.11
CA ASN A 21 17.08 -12.40 16.07
C ASN A 21 16.63 -13.67 15.37
N TYR A 22 17.47 -14.14 14.44
CA TYR A 22 17.30 -15.42 13.75
C TYR A 22 18.54 -16.22 14.12
N PRO A 23 18.48 -17.03 15.19
CA PRO A 23 19.72 -17.62 15.75
C PRO A 23 20.02 -19.00 15.17
N VAL A 24 20.70 -18.99 14.04
CA VAL A 24 21.17 -20.21 13.40
C VAL A 24 22.66 -20.36 13.68
N MET A 25 23.06 -21.58 14.00
CA MET A 25 24.47 -21.85 14.22
C MET A 25 25.26 -21.57 12.96
N LYS A 26 26.20 -20.63 13.06
CA LYS A 26 27.16 -20.34 11.99
C LYS A 26 28.52 -20.79 12.49
N SER A 27 28.80 -22.09 12.34
CA SER A 27 30.02 -22.67 12.85
C SER A 27 30.62 -23.62 11.82
N THR A 28 31.92 -23.87 11.95
CA THR A 28 32.65 -24.72 11.03
C THR A 28 32.33 -26.19 11.25
N PHE A 29 32.44 -26.96 10.16
CA PHE A 29 32.18 -28.39 10.20
C PHE A 29 33.04 -29.09 11.24
N LYS A 30 34.33 -28.76 11.28
CA LYS A 30 35.24 -29.40 12.23
C LYS A 30 34.83 -29.14 13.68
N SER A 31 34.37 -27.93 13.99
CA SER A 31 34.03 -27.63 15.37
C SER A 31 32.75 -28.33 15.80
N GLU A 32 31.88 -28.67 14.85
CA GLU A 32 30.62 -29.32 15.18
C GLU A 32 30.76 -30.82 15.41
N TYR A 33 31.77 -31.45 14.84
CA TYR A 33 31.91 -32.90 14.93
C TYR A 33 33.32 -33.26 15.36
N PRO A 34 33.48 -34.16 16.33
CA PRO A 34 34.83 -34.57 16.73
C PRO A 34 35.52 -35.38 15.64
N PHE A 35 36.84 -35.49 15.77
CA PHE A 35 37.64 -36.16 14.74
C PHE A 35 37.13 -37.57 14.45
N GLU A 36 36.77 -38.32 15.48
CA GLU A 36 36.35 -39.71 15.30
C GLU A 36 35.12 -39.81 14.40
N LYS A 37 34.11 -38.98 14.67
CA LYS A 37 32.90 -38.99 13.85
C LYS A 37 33.21 -38.61 12.40
N ARG A 38 34.08 -37.63 12.21
CA ARG A 38 34.44 -37.19 10.86
C ARG A 38 35.15 -38.29 10.08
N LYS A 39 36.13 -38.95 10.72
CA LYS A 39 36.84 -40.01 10.02
C LYS A 39 35.93 -41.20 9.75
N ALA A 40 35.06 -41.55 10.70
CA ALA A 40 34.06 -42.58 10.43
C ALA A 40 33.21 -42.23 9.21
N GLU A 41 32.79 -40.96 9.12
CA GLU A 41 31.95 -40.55 8.00
C GLU A 41 32.71 -40.66 6.67
N SER A 42 33.92 -40.10 6.61
CA SER A 42 34.68 -40.16 5.37
C SER A 42 35.01 -41.60 4.97
N GLU A 43 35.19 -42.50 5.95
CA GLU A 43 35.43 -43.91 5.61
C GLU A 43 34.18 -44.56 5.04
N ARG A 44 33.03 -44.35 5.67
CA ARG A 44 31.77 -44.80 5.08
C ARG A 44 31.61 -44.27 3.65
N ILE A 45 31.97 -43.01 3.43
CA ILE A 45 31.83 -42.44 2.09
C ILE A 45 32.79 -43.10 1.11
N ALA A 46 34.02 -43.36 1.55
CA ALA A 46 35.00 -44.03 0.70
C ALA A 46 34.47 -45.39 0.25
N ASP A 47 33.78 -46.10 1.14
CA ASP A 47 33.20 -47.37 0.72
C ASP A 47 31.98 -47.15 -0.17
N ARG A 48 31.11 -46.20 0.19
CA ARG A 48 29.84 -46.01 -0.50
C ARG A 48 30.00 -45.28 -1.84
N PHE A 49 30.99 -44.39 -1.96
CA PHE A 49 31.25 -43.66 -3.19
C PHE A 49 32.75 -43.72 -3.46
N PRO A 50 33.24 -44.83 -4.02
CA PRO A 50 34.70 -44.98 -4.18
C PRO A 50 35.35 -44.01 -5.16
N ASN A 51 34.76 -43.76 -6.33
CA ASN A 51 35.35 -42.84 -7.31
C ASN A 51 35.00 -41.38 -7.04
N ARG A 52 34.73 -41.03 -5.79
CA ARG A 52 34.33 -39.68 -5.42
C ARG A 52 35.29 -39.11 -4.39
N ILE A 53 35.62 -37.84 -4.54
CA ILE A 53 36.46 -37.10 -3.60
C ILE A 53 35.53 -36.35 -2.65
N PRO A 54 35.58 -36.61 -1.35
CA PRO A 54 34.68 -35.93 -0.41
C PRO A 54 35.22 -34.59 0.08
N VAL A 55 34.58 -33.50 -0.35
CA VAL A 55 35.05 -32.15 -0.06
C VAL A 55 34.12 -31.51 0.95
N ILE A 56 34.70 -30.91 1.99
CA ILE A 56 33.97 -30.03 2.89
C ILE A 56 34.30 -28.61 2.46
N CYS A 57 33.33 -27.91 1.89
CA CYS A 57 33.57 -26.60 1.31
C CYS A 57 32.80 -25.55 2.10
N GLU A 58 33.55 -24.63 2.73
CA GLU A 58 32.98 -23.63 3.63
C GLU A 58 33.46 -22.25 3.24
N LYS A 59 32.71 -21.24 3.66
CA LYS A 59 33.02 -19.86 3.32
C LYS A 59 34.07 -19.27 4.25
N ALA A 60 35.00 -18.50 3.67
CA ALA A 60 35.87 -17.67 4.48
C ALA A 60 35.01 -16.69 5.28
N GLU A 61 35.29 -16.58 6.58
CA GLU A 61 34.34 -15.89 7.45
C GLU A 61 34.36 -14.38 7.25
N LYS A 62 35.50 -13.80 6.84
CA LYS A 62 35.54 -12.36 6.65
C LYS A 62 34.97 -11.91 5.32
N SER A 63 34.49 -12.84 4.48
CA SER A 63 34.03 -12.52 3.14
C SER A 63 32.52 -12.36 3.13
N ASP A 64 32.04 -11.36 2.39
CA ASP A 64 30.61 -11.08 2.30
C ASP A 64 29.93 -11.83 1.16
N ILE A 65 30.63 -12.78 0.54
CA ILE A 65 30.10 -13.66 -0.51
C ILE A 65 28.95 -14.49 0.06
N PRO A 66 27.96 -14.89 -0.76
CA PRO A 66 26.84 -15.66 -0.22
C PRO A 66 27.25 -16.99 0.40
N GLU A 67 26.47 -17.40 1.41
CA GLU A 67 26.56 -18.74 1.95
C GLU A 67 25.59 -19.67 1.23
N ILE A 68 25.65 -20.95 1.56
CA ILE A 68 24.69 -21.94 1.10
C ILE A 68 24.69 -23.05 2.15
N ASP A 69 23.59 -23.80 2.20
CA ASP A 69 23.49 -24.82 3.24
C ASP A 69 24.22 -26.11 2.88
N LYS A 70 24.61 -26.28 1.63
CA LYS A 70 25.40 -27.43 1.23
C LYS A 70 26.88 -27.13 1.45
N ARG A 71 27.54 -27.96 2.27
CA ARG A 71 28.99 -27.93 2.37
C ARG A 71 29.63 -29.28 2.08
N LYS A 72 28.86 -30.33 1.90
CA LYS A 72 29.39 -31.65 1.55
C LYS A 72 29.27 -31.81 0.05
N TYR A 73 30.41 -31.98 -0.63
CA TYR A 73 30.45 -32.11 -2.08
C TYR A 73 31.11 -33.42 -2.46
N LEU A 74 30.41 -34.20 -3.26
CA LEU A 74 30.89 -35.50 -3.73
C LEU A 74 31.43 -35.30 -5.14
N VAL A 75 32.74 -35.03 -5.25
CA VAL A 75 33.31 -34.55 -6.50
C VAL A 75 33.84 -35.68 -7.36
N PRO A 76 33.43 -35.77 -8.64
CA PRO A 76 34.03 -36.75 -9.54
C PRO A 76 35.54 -36.60 -9.63
N ALA A 77 36.24 -37.74 -9.60
CA ALA A 77 37.70 -37.71 -9.50
C ALA A 77 38.33 -37.02 -10.70
N ASP A 78 37.69 -37.09 -11.86
CA ASP A 78 38.26 -36.51 -13.07
C ASP A 78 37.99 -35.01 -13.22
N LEU A 79 37.21 -34.40 -12.33
CA LEU A 79 36.95 -32.97 -12.46
C LEU A 79 38.18 -32.14 -12.14
N THR A 80 38.37 -31.08 -12.91
CA THR A 80 39.42 -30.10 -12.64
C THR A 80 38.97 -29.11 -11.58
N VAL A 81 39.96 -28.39 -11.05
CA VAL A 81 39.71 -27.29 -10.12
C VAL A 81 38.69 -26.31 -10.69
N GLY A 82 38.89 -25.88 -11.94
CA GLY A 82 37.98 -24.90 -12.53
C GLY A 82 36.54 -25.36 -12.58
N GLN A 83 36.33 -26.63 -12.95
CA GLN A 83 34.98 -27.17 -13.01
C GLN A 83 34.34 -27.23 -11.63
N PHE A 84 35.11 -27.67 -10.62
CA PHE A 84 34.59 -27.70 -9.26
C PHE A 84 34.23 -26.30 -8.78
N VAL A 85 35.06 -25.31 -9.11
CA VAL A 85 34.77 -23.93 -8.76
C VAL A 85 33.46 -23.49 -9.38
N TYR A 86 33.22 -23.85 -10.65
CA TYR A 86 31.93 -23.51 -11.26
C TYR A 86 30.78 -24.18 -10.53
N VAL A 87 30.97 -25.42 -10.07
CA VAL A 87 29.92 -26.07 -9.28
C VAL A 87 29.60 -25.26 -8.04
N ILE A 88 30.63 -24.80 -7.33
CA ILE A 88 30.38 -23.96 -6.15
C ILE A 88 29.65 -22.68 -6.53
N ARG A 89 30.14 -22.00 -7.56
CA ARG A 89 29.53 -20.75 -8.01
C ARG A 89 28.04 -20.93 -8.28
N LYS A 90 27.69 -21.99 -9.02
CA LYS A 90 26.31 -22.23 -9.38
C LYS A 90 25.47 -22.56 -8.15
N ARG A 91 26.00 -23.38 -7.23
CA ARG A 91 25.25 -23.72 -6.03
C ARG A 91 24.95 -22.48 -5.19
N ILE A 92 25.93 -21.59 -5.02
CA ILE A 92 25.69 -20.36 -4.25
C ILE A 92 25.13 -19.24 -5.11
N MET A 93 25.08 -19.42 -6.43
CA MET A 93 24.52 -18.44 -7.37
C MET A 93 25.25 -17.10 -7.30
N LEU A 94 26.57 -17.16 -7.33
CA LEU A 94 27.39 -15.96 -7.44
C LEU A 94 27.42 -15.52 -8.90
N PRO A 95 27.05 -14.29 -9.20
CA PRO A 95 27.02 -13.86 -10.60
C PRO A 95 28.42 -13.85 -11.19
N PRO A 96 28.54 -14.11 -12.49
CA PRO A 96 29.89 -14.27 -13.07
C PRO A 96 30.76 -13.03 -12.98
N GLU A 97 30.16 -11.85 -12.89
CA GLU A 97 30.93 -10.61 -12.81
C GLU A 97 31.73 -10.52 -11.52
N LYS A 98 31.38 -11.31 -10.50
CA LYS A 98 32.12 -11.33 -9.25
C LYS A 98 33.13 -12.47 -9.28
N ALA A 99 34.38 -12.16 -8.94
CA ALA A 99 35.43 -13.17 -8.88
C ALA A 99 35.17 -14.12 -7.71
N ILE A 100 35.61 -15.37 -7.87
CA ILE A 100 35.52 -16.36 -6.82
C ILE A 100 36.90 -17.01 -6.65
N PHE A 101 37.22 -17.33 -5.40
CA PHE A 101 38.49 -17.95 -5.07
C PHE A 101 38.22 -19.16 -4.18
N ILE A 102 39.05 -20.19 -4.33
CA ILE A 102 39.03 -21.32 -3.42
C ILE A 102 40.45 -21.51 -2.91
N PHE A 103 40.54 -22.05 -1.71
CA PHE A 103 41.79 -22.21 -0.99
C PHE A 103 41.83 -23.62 -0.43
N VAL A 104 42.94 -24.31 -0.69
CA VAL A 104 43.27 -25.57 -0.07
C VAL A 104 44.59 -25.36 0.68
N ASN A 105 44.55 -25.54 2.00
CA ASN A 105 45.70 -25.24 2.86
C ASN A 105 46.23 -23.84 2.57
N ASP A 106 45.30 -22.89 2.41
CA ASP A 106 45.60 -21.46 2.25
C ASP A 106 46.39 -21.18 0.98
N THR A 107 46.09 -21.90 -0.11
CA THR A 107 46.72 -21.65 -1.41
C THR A 107 45.68 -21.82 -2.51
N LEU A 108 45.80 -21.00 -3.56
CA LEU A 108 44.94 -21.06 -4.73
C LEU A 108 45.41 -22.16 -5.68
N PRO A 109 44.67 -23.27 -5.81
CA PRO A 109 45.10 -24.33 -6.71
C PRO A 109 44.91 -23.91 -8.15
N PRO A 110 45.79 -24.36 -9.06
CA PRO A 110 45.67 -23.97 -10.47
C PRO A 110 44.41 -24.56 -11.09
N THR A 111 43.80 -23.79 -12.02
CA THR A 111 42.54 -24.16 -12.64
C THR A 111 42.56 -25.48 -13.40
N ALA A 112 43.72 -26.10 -13.59
CA ALA A 112 43.82 -27.27 -14.45
C ALA A 112 44.37 -28.48 -13.70
N ALA A 113 44.57 -28.34 -12.40
CA ALA A 113 44.84 -29.50 -11.56
C ALA A 113 43.59 -30.36 -11.42
N LEU A 114 43.79 -31.67 -11.35
CA LEU A 114 42.68 -32.57 -11.10
C LEU A 114 42.37 -32.60 -9.62
N MET A 115 41.08 -32.59 -9.28
CA MET A 115 40.68 -32.68 -7.88
C MET A 115 41.26 -33.91 -7.22
N SER A 116 41.44 -35.01 -7.96
CA SER A 116 42.05 -36.21 -7.37
C SER A 116 43.48 -35.93 -6.90
N ALA A 117 44.24 -35.13 -7.66
CA ALA A 117 45.60 -34.82 -7.26
C ALA A 117 45.60 -33.88 -6.06
N ILE A 118 44.69 -32.90 -6.07
CA ILE A 118 44.52 -32.00 -4.94
C ILE A 118 44.19 -32.79 -3.68
N TYR A 119 43.31 -33.78 -3.80
CA TYR A 119 42.96 -34.63 -2.65
C TYR A 119 44.17 -35.42 -2.20
N GLN A 120 44.87 -36.03 -3.15
CA GLN A 120 46.07 -36.81 -2.85
C GLN A 120 47.06 -36.01 -2.02
N GLU A 121 47.24 -34.73 -2.36
CA GLU A 121 48.23 -33.95 -1.63
C GLU A 121 47.69 -33.37 -0.33
N HIS A 122 46.42 -32.99 -0.29
CA HIS A 122 45.95 -32.10 0.75
C HIS A 122 44.85 -32.67 1.63
N LYS A 123 44.47 -33.92 1.45
CA LYS A 123 43.39 -34.48 2.25
C LYS A 123 43.70 -34.35 3.73
N ASP A 124 42.67 -34.06 4.51
CA ASP A 124 42.81 -33.94 5.94
C ASP A 124 43.08 -35.32 6.54
N LYS A 125 43.59 -35.34 7.77
CA LYS A 125 43.81 -36.61 8.45
C LYS A 125 42.50 -37.38 8.60
N ASP A 126 41.38 -36.67 8.65
CA ASP A 126 40.08 -37.34 8.79
C ASP A 126 39.54 -37.85 7.46
N GLY A 127 40.28 -37.73 6.36
CA GLY A 127 39.87 -38.27 5.09
C GLY A 127 39.15 -37.29 4.18
N PHE A 128 38.72 -36.15 4.69
CA PHE A 128 38.08 -35.15 3.86
C PHE A 128 39.10 -34.20 3.25
N LEU A 129 38.68 -33.56 2.16
CA LEU A 129 39.38 -32.42 1.59
C LEU A 129 38.64 -31.15 1.99
N TYR A 130 39.32 -30.31 2.76
CA TYR A 130 38.73 -29.05 3.21
C TYR A 130 39.06 -27.93 2.24
N VAL A 131 38.02 -27.28 1.74
CA VAL A 131 38.15 -26.19 0.77
C VAL A 131 37.45 -24.97 1.34
N THR A 132 38.12 -23.83 1.30
CA THR A 132 37.53 -22.56 1.69
C THR A 132 37.22 -21.78 0.43
N TYR A 133 36.01 -21.22 0.33
CA TYR A 133 35.71 -20.36 -0.80
C TYR A 133 35.52 -18.94 -0.30
N SER A 134 35.79 -17.99 -1.18
CA SER A 134 35.79 -16.59 -0.78
C SER A 134 35.63 -15.71 -2.02
N GLY A 135 35.23 -14.47 -1.78
CA GLY A 135 35.18 -13.47 -2.82
C GLY A 135 36.43 -12.61 -2.88
N GLU A 136 37.38 -12.85 -1.98
CA GLU A 136 38.62 -12.09 -1.94
C GLU A 136 39.79 -13.06 -1.84
N ASN A 137 40.96 -12.56 -2.19
CA ASN A 137 42.18 -13.36 -2.27
C ASN A 137 43.05 -13.06 -1.06
N THR A 138 43.24 -14.05 -0.20
CA THR A 138 44.00 -13.87 1.04
C THR A 138 45.46 -14.24 0.82
N PRO B 2 -27.29 10.84 19.20
CA PRO B 2 -25.94 11.23 19.63
C PRO B 2 -24.87 10.41 18.91
N GLU B 3 -23.61 10.55 19.32
CA GLU B 3 -22.50 9.95 18.60
C GLU B 3 -21.69 9.05 19.53
N GLU B 4 -21.38 7.84 19.06
CA GLU B 4 -20.71 6.85 19.90
C GLU B 4 -19.29 7.30 20.22
N SER B 5 -18.92 7.21 21.49
CA SER B 5 -17.60 7.60 21.97
C SER B 5 -16.67 6.40 22.04
N TRP B 6 -15.38 6.66 21.90
CA TRP B 6 -14.37 5.60 21.99
C TRP B 6 -14.05 5.30 23.45
N GLU B 7 -14.08 4.01 23.80
CA GLU B 7 -13.88 3.56 25.16
C GLU B 7 -12.78 2.52 25.22
N ASP B 8 -11.85 2.70 26.16
CA ASP B 8 -10.77 1.73 26.36
C ASP B 8 -11.23 0.66 27.35
N ASP B 9 -12.32 -0.02 26.98
CA ASP B 9 -13.01 -0.91 27.89
C ASP B 9 -12.68 -2.38 27.66
N ILE B 10 -11.76 -2.69 26.76
CA ILE B 10 -11.39 -4.08 26.50
C ILE B 10 -10.09 -4.39 27.22
N ALA B 11 -9.28 -3.37 27.47
CA ALA B 11 -7.96 -3.59 28.06
C ALA B 11 -8.05 -4.03 29.51
N GLY B 12 -9.05 -3.56 30.25
CA GLY B 12 -9.22 -3.92 31.64
C GLY B 12 -9.76 -5.30 31.92
N GLN B 13 -10.13 -6.06 30.90
CA GLN B 13 -10.79 -7.34 31.11
C GLN B 13 -9.93 -8.29 31.94
N ARG B 14 -10.58 -9.16 32.72
CA ARG B 14 -9.84 -10.10 33.56
C ARG B 14 -8.94 -10.99 32.71
N THR B 15 -9.51 -11.66 31.71
CA THR B 15 -8.75 -12.47 30.78
C THR B 15 -9.23 -12.22 29.36
N PHE B 16 -8.58 -12.84 28.38
CA PHE B 16 -8.93 -12.66 26.97
C PHE B 16 -8.96 -14.04 26.35
N PRO B 17 -10.09 -14.74 26.46
CA PRO B 17 -10.18 -16.08 25.84
C PRO B 17 -10.36 -15.96 24.34
N GLU B 18 -9.91 -17.01 23.65
CA GLU B 18 -10.15 -17.13 22.22
C GLU B 18 -11.59 -17.54 22.00
N ASP B 19 -12.16 -17.12 20.87
CA ASP B 19 -13.55 -17.45 20.59
C ASP B 19 -13.72 -18.97 20.48
N PRO B 20 -14.78 -19.52 21.07
CA PRO B 20 -14.97 -20.98 21.08
C PRO B 20 -15.55 -21.53 19.79
N ASN B 21 -15.96 -20.69 18.85
CA ASN B 21 -16.60 -21.17 17.64
C ASN B 21 -16.34 -20.14 16.54
N TYR B 22 -15.06 -20.00 16.19
CA TYR B 22 -14.62 -19.15 15.09
C TYR B 22 -13.96 -20.09 14.09
N PRO B 23 -14.41 -20.15 12.83
CA PRO B 23 -14.01 -21.25 11.96
C PRO B 23 -12.69 -21.02 11.25
N VAL B 24 -11.98 -22.14 11.07
CA VAL B 24 -10.73 -22.19 10.33
C VAL B 24 -11.07 -22.70 8.93
N MET B 25 -10.98 -21.81 7.93
CA MET B 25 -11.28 -22.16 6.55
C MET B 25 -10.02 -22.41 5.72
N LYS B 26 -8.89 -22.71 6.36
CA LYS B 26 -7.61 -22.79 5.68
C LYS B 26 -6.78 -23.91 6.30
N SER B 27 -6.51 -24.95 5.51
CA SER B 27 -5.51 -25.95 5.84
C SER B 27 -4.24 -25.66 5.05
N THR B 28 -3.32 -26.64 5.00
CA THR B 28 -2.05 -26.38 4.33
C THR B 28 -2.29 -26.07 2.86
N PHE B 29 -1.46 -25.18 2.31
CA PHE B 29 -1.62 -24.77 0.92
C PHE B 29 -1.60 -25.96 -0.03
N LYS B 30 -0.65 -26.88 0.18
CA LYS B 30 -0.54 -28.03 -0.72
C LYS B 30 -1.81 -28.87 -0.68
N SER B 31 -2.41 -29.06 0.49
CA SER B 31 -3.60 -29.91 0.60
C SER B 31 -4.86 -29.24 0.06
N GLU B 32 -4.92 -27.90 0.02
CA GLU B 32 -6.14 -27.25 -0.45
C GLU B 32 -6.27 -27.23 -1.97
N TYR B 33 -5.17 -27.34 -2.70
CA TYR B 33 -5.24 -27.20 -4.14
C TYR B 33 -4.55 -28.41 -4.76
N PRO B 34 -5.14 -29.03 -5.77
CA PRO B 34 -4.50 -30.18 -6.40
C PRO B 34 -3.22 -29.77 -7.10
N PHE B 35 -2.37 -30.76 -7.36
CA PHE B 35 -1.04 -30.49 -7.93
C PHE B 35 -1.12 -29.67 -9.20
N GLU B 36 -1.99 -30.05 -10.13
CA GLU B 36 -2.03 -29.41 -11.43
C GLU B 36 -2.31 -27.91 -11.31
N LYS B 37 -3.25 -27.53 -10.44
CA LYS B 37 -3.52 -26.12 -10.21
C LYS B 37 -2.30 -25.41 -9.63
N ARG B 38 -1.61 -26.05 -8.69
CA ARG B 38 -0.44 -25.42 -8.07
C ARG B 38 0.67 -25.19 -9.09
N LYS B 39 0.93 -26.20 -9.92
CA LYS B 39 1.99 -26.07 -10.93
C LYS B 39 1.61 -25.03 -11.98
N ALA B 40 0.34 -25.03 -12.40
CA ALA B 40 -0.13 -23.98 -13.31
C ALA B 40 0.08 -22.60 -12.71
N GLU B 41 -0.22 -22.44 -11.41
CA GLU B 41 -0.07 -21.16 -10.74
C GLU B 41 1.39 -20.72 -10.72
N SER B 42 2.28 -21.62 -10.31
CA SER B 42 3.71 -21.29 -10.25
C SER B 42 4.24 -20.93 -11.64
N GLU B 43 3.85 -21.69 -12.67
CA GLU B 43 4.21 -21.34 -14.03
C GLU B 43 3.72 -19.95 -14.39
N ARG B 44 2.46 -19.64 -14.07
CA ARG B 44 1.92 -18.32 -14.37
C ARG B 44 2.75 -17.23 -13.71
N ILE B 45 3.15 -17.47 -12.45
CA ILE B 45 3.91 -16.46 -11.73
C ILE B 45 5.30 -16.29 -12.34
N ALA B 46 5.95 -17.39 -12.71
CA ALA B 46 7.27 -17.30 -13.36
C ALA B 46 7.19 -16.47 -14.63
N ASP B 47 6.14 -16.70 -15.44
CA ASP B 47 5.95 -15.89 -16.64
C ASP B 47 5.77 -14.41 -16.30
N ARG B 48 4.86 -14.12 -15.36
CA ARG B 48 4.56 -12.73 -15.03
C ARG B 48 5.68 -12.06 -14.24
N PHE B 49 6.45 -12.82 -13.47
CA PHE B 49 7.43 -12.27 -12.54
C PHE B 49 8.74 -13.03 -12.70
N PRO B 50 9.53 -12.70 -13.72
CA PRO B 50 10.76 -13.49 -14.00
C PRO B 50 11.84 -13.41 -12.93
N ASN B 51 11.96 -12.29 -12.20
CA ASN B 51 12.99 -12.12 -11.19
C ASN B 51 12.44 -12.23 -9.77
N ARG B 52 11.49 -13.15 -9.58
CA ARG B 52 10.85 -13.37 -8.29
C ARG B 52 10.86 -14.85 -7.94
N ILE B 53 11.12 -15.12 -6.66
CA ILE B 53 11.03 -16.46 -6.11
C ILE B 53 9.65 -16.60 -5.50
N PRO B 54 8.80 -17.51 -5.97
CA PRO B 54 7.45 -17.65 -5.41
C PRO B 54 7.44 -18.56 -4.20
N VAL B 55 7.23 -17.99 -3.02
CA VAL B 55 7.35 -18.69 -1.75
C VAL B 55 5.96 -18.93 -1.17
N ILE B 56 5.71 -20.16 -0.75
CA ILE B 56 4.56 -20.50 0.09
C ILE B 56 5.09 -20.60 1.51
N CYS B 57 4.75 -19.63 2.35
CA CYS B 57 5.29 -19.53 3.70
C CYS B 57 4.17 -19.73 4.73
N GLU B 58 4.30 -20.79 5.51
CA GLU B 58 3.26 -21.17 6.47
C GLU B 58 3.90 -21.42 7.83
N LYS B 59 3.07 -21.34 8.87
CA LYS B 59 3.53 -21.52 10.23
C LYS B 59 3.69 -22.99 10.57
N ALA B 60 4.76 -23.32 11.30
CA ALA B 60 4.91 -24.66 11.84
C ALA B 60 3.73 -25.01 12.73
N GLU B 61 3.32 -26.28 12.68
CA GLU B 61 2.04 -26.67 13.26
C GLU B 61 2.03 -26.55 14.78
N LYS B 62 3.11 -26.97 15.44
CA LYS B 62 3.16 -27.02 16.89
C LYS B 62 3.59 -25.70 17.54
N SER B 63 3.82 -24.66 16.76
CA SER B 63 4.39 -23.42 17.28
C SER B 63 3.27 -22.43 17.61
N ASP B 64 3.43 -21.74 18.74
CA ASP B 64 2.47 -20.74 19.19
C ASP B 64 2.82 -19.35 18.70
N ILE B 65 3.78 -19.24 17.79
CA ILE B 65 4.15 -17.98 17.16
C ILE B 65 2.92 -17.47 16.41
N PRO B 66 2.75 -16.16 16.26
CA PRO B 66 1.56 -15.65 15.56
C PRO B 66 1.45 -16.16 14.12
N GLU B 67 0.19 -16.28 13.68
CA GLU B 67 -0.13 -16.54 12.29
C GLU B 67 -0.30 -15.22 11.55
N ILE B 68 -0.50 -15.31 10.23
CA ILE B 68 -0.88 -14.19 9.40
C ILE B 68 -1.60 -14.78 8.20
N ASP B 69 -2.44 -13.96 7.56
CA ASP B 69 -3.24 -14.50 6.47
C ASP B 69 -2.50 -14.56 5.13
N LYS B 70 -1.37 -13.88 5.02
CA LYS B 70 -0.59 -13.97 3.80
C LYS B 70 0.30 -15.21 3.83
N ARG B 71 0.17 -16.07 2.81
CA ARG B 71 1.07 -17.19 2.61
C ARG B 71 1.83 -17.14 1.29
N LYS B 72 1.44 -16.25 0.38
CA LYS B 72 2.11 -16.12 -0.91
C LYS B 72 3.07 -14.94 -0.86
N TYR B 73 4.36 -15.20 -1.07
CA TYR B 73 5.38 -14.17 -1.00
C TYR B 73 6.17 -14.15 -2.32
N LEU B 74 6.23 -12.99 -2.95
CA LEU B 74 6.98 -12.79 -4.19
C LEU B 74 8.32 -12.17 -3.81
N VAL B 75 9.33 -13.00 -3.58
CA VAL B 75 10.58 -12.58 -2.97
C VAL B 75 11.59 -12.22 -4.06
N PRO B 76 12.21 -11.05 -4.02
CA PRO B 76 13.30 -10.77 -4.98
C PRO B 76 14.40 -11.81 -4.89
N ALA B 77 14.88 -12.25 -6.05
CA ALA B 77 15.83 -13.36 -6.11
C ALA B 77 17.13 -13.02 -5.39
N ASP B 78 17.48 -11.73 -5.35
CA ASP B 78 18.70 -11.26 -4.71
C ASP B 78 18.55 -11.11 -3.20
N LEU B 79 17.37 -11.37 -2.65
CA LEU B 79 17.20 -11.27 -1.21
C LEU B 79 17.96 -12.39 -0.52
N THR B 80 18.59 -12.06 0.61
CA THR B 80 19.19 -13.10 1.41
C THR B 80 18.13 -13.76 2.28
N VAL B 81 18.48 -14.94 2.79
CA VAL B 81 17.62 -15.64 3.74
C VAL B 81 17.23 -14.73 4.90
N GLY B 82 18.22 -14.04 5.50
CA GLY B 82 17.96 -13.17 6.63
C GLY B 82 17.00 -12.03 6.29
N GLN B 83 17.15 -11.45 5.10
CA GLN B 83 16.25 -10.38 4.70
C GLN B 83 14.81 -10.89 4.56
N PHE B 84 14.66 -12.06 3.95
CA PHE B 84 13.33 -12.66 3.84
C PHE B 84 12.76 -12.97 5.22
N VAL B 85 13.59 -13.46 6.14
CA VAL B 85 13.15 -13.72 7.50
C VAL B 85 12.62 -12.45 8.15
N TYR B 86 13.32 -11.33 7.95
CA TYR B 86 12.83 -10.06 8.49
C TYR B 86 11.48 -9.70 7.86
N VAL B 87 11.31 -9.98 6.57
CA VAL B 87 10.03 -9.71 5.92
C VAL B 87 8.90 -10.45 6.63
N ILE B 88 9.13 -11.74 6.92
CA ILE B 88 8.11 -12.52 7.63
C ILE B 88 7.87 -11.96 9.03
N ARG B 89 8.95 -11.68 9.78
CA ARG B 89 8.81 -11.12 11.12
C ARG B 89 7.95 -9.87 11.12
N LYS B 90 8.18 -8.98 10.15
CA LYS B 90 7.42 -7.75 10.07
C LYS B 90 5.97 -8.00 9.67
N ARG B 91 5.73 -9.02 8.84
CA ARG B 91 4.36 -9.34 8.44
C ARG B 91 3.53 -9.86 9.61
N ILE B 92 4.12 -10.74 10.44
CA ILE B 92 3.41 -11.31 11.59
C ILE B 92 3.54 -10.48 12.87
N MET B 93 4.36 -9.43 12.87
CA MET B 93 4.55 -8.58 14.05
C MET B 93 5.15 -9.35 15.22
N LEU B 94 6.14 -10.19 14.96
CA LEU B 94 6.83 -10.87 16.04
C LEU B 94 7.87 -9.94 16.64
N PRO B 95 7.82 -9.65 17.94
CA PRO B 95 8.75 -8.67 18.51
C PRO B 95 10.18 -9.16 18.41
N PRO B 96 11.14 -8.23 18.27
CA PRO B 96 12.54 -8.65 18.05
C PRO B 96 13.12 -9.46 19.19
N GLU B 97 12.61 -9.29 20.41
CA GLU B 97 13.12 -10.06 21.55
C GLU B 97 12.83 -11.55 21.42
N LYS B 98 11.86 -11.93 20.61
CA LYS B 98 11.54 -13.34 20.39
C LYS B 98 12.23 -13.83 19.13
N ALA B 99 12.74 -15.06 19.20
CA ALA B 99 13.45 -15.66 18.09
C ALA B 99 12.49 -16.10 16.99
N ILE B 100 12.98 -16.12 15.76
CA ILE B 100 12.26 -16.65 14.61
C ILE B 100 13.16 -17.64 13.89
N PHE B 101 12.57 -18.73 13.41
CA PHE B 101 13.27 -19.74 12.65
C PHE B 101 12.47 -20.06 11.40
N ILE B 102 13.17 -20.38 10.31
CA ILE B 102 12.51 -20.86 9.12
C ILE B 102 13.17 -22.16 8.67
N PHE B 103 12.41 -22.98 7.97
CA PHE B 103 12.81 -24.31 7.57
C PHE B 103 12.46 -24.54 6.11
N VAL B 104 13.44 -25.04 5.36
CA VAL B 104 13.25 -25.64 4.04
C VAL B 104 13.71 -27.09 4.13
N ASN B 105 12.79 -28.01 3.85
CA ASN B 105 13.04 -29.44 3.95
C ASN B 105 13.61 -29.79 5.33
N ASP B 106 13.00 -29.21 6.35
CA ASP B 106 13.31 -29.45 7.77
C ASP B 106 14.72 -28.99 8.15
N THR B 107 15.32 -28.05 7.42
CA THR B 107 16.65 -27.54 7.77
C THR B 107 16.65 -26.02 7.75
N LEU B 108 17.42 -25.43 8.67
CA LEU B 108 17.60 -24.00 8.84
C LEU B 108 18.57 -23.44 7.82
N PRO B 109 18.11 -22.66 6.84
CA PRO B 109 19.03 -22.14 5.83
C PRO B 109 19.96 -21.11 6.42
N PRO B 110 21.21 -21.02 5.96
CA PRO B 110 22.12 -20.02 6.51
C PRO B 110 21.67 -18.62 6.17
N THR B 111 21.88 -17.71 7.10
CA THR B 111 21.38 -16.34 7.02
C THR B 111 21.85 -15.57 5.78
N ALA B 112 22.83 -16.08 5.04
CA ALA B 112 23.47 -15.30 3.99
C ALA B 112 23.37 -15.99 2.64
N ALA B 113 22.63 -17.09 2.57
CA ALA B 113 22.26 -17.67 1.31
C ALA B 113 21.26 -16.78 0.58
N LEU B 114 21.38 -16.76 -0.74
CA LEU B 114 20.43 -16.03 -1.57
C LEU B 114 19.17 -16.85 -1.74
N MET B 115 18.03 -16.18 -1.67
CA MET B 115 16.76 -16.90 -1.84
C MET B 115 16.70 -17.62 -3.18
N SER B 116 17.32 -17.06 -4.21
CA SER B 116 17.38 -17.75 -5.50
C SER B 116 18.13 -19.06 -5.39
N ALA B 117 19.21 -19.11 -4.59
CA ALA B 117 19.96 -20.35 -4.47
C ALA B 117 19.18 -21.39 -3.67
N ILE B 118 18.54 -20.96 -2.58
CA ILE B 118 17.67 -21.84 -1.82
C ILE B 118 16.57 -22.38 -2.72
N TYR B 119 16.00 -21.52 -3.57
CA TYR B 119 14.98 -21.96 -4.50
C TYR B 119 15.52 -22.98 -5.48
N GLN B 120 16.70 -22.69 -6.05
CA GLN B 120 17.32 -23.55 -7.03
C GLN B 120 17.45 -24.97 -6.50
N GLU B 121 17.86 -25.13 -5.24
CA GLU B 121 18.00 -26.50 -4.75
C GLU B 121 16.73 -27.08 -4.14
N HIS B 122 15.82 -26.28 -3.58
CA HIS B 122 14.75 -26.81 -2.74
C HIS B 122 13.36 -26.63 -3.30
N LYS B 123 13.21 -26.09 -4.51
CA LYS B 123 11.89 -25.87 -5.09
C LYS B 123 11.09 -27.16 -5.13
N ASP B 124 9.79 -27.05 -4.90
CA ASP B 124 8.91 -28.20 -4.97
C ASP B 124 8.71 -28.63 -6.42
N LYS B 125 8.24 -29.88 -6.59
CA LYS B 125 7.84 -30.36 -7.91
C LYS B 125 6.83 -29.43 -8.58
N ASP B 126 6.07 -28.68 -7.79
CA ASP B 126 5.02 -27.80 -8.31
C ASP B 126 5.52 -26.38 -8.64
N GLY B 127 6.81 -26.11 -8.46
CA GLY B 127 7.38 -24.82 -8.82
C GLY B 127 7.45 -23.82 -7.69
N PHE B 128 6.76 -24.06 -6.58
CA PHE B 128 6.83 -23.17 -5.44
C PHE B 128 7.97 -23.58 -4.50
N LEU B 129 8.41 -22.61 -3.71
CA LEU B 129 9.33 -22.86 -2.60
C LEU B 129 8.53 -22.82 -1.31
N TYR B 130 8.47 -23.95 -0.61
CA TYR B 130 7.72 -24.03 0.64
C TYR B 130 8.64 -23.71 1.82
N VAL B 131 8.23 -22.75 2.63
CA VAL B 131 9.00 -22.31 3.79
C VAL B 131 8.10 -22.45 5.00
N THR B 132 8.63 -23.07 6.05
CA THR B 132 7.92 -23.16 7.32
C THR B 132 8.56 -22.20 8.31
N TYR B 133 7.73 -21.42 9.02
CA TYR B 133 8.30 -20.58 10.07
C TYR B 133 7.79 -21.03 11.43
N SER B 134 8.58 -20.75 12.45
CA SER B 134 8.31 -21.21 13.80
C SER B 134 9.06 -20.34 14.80
N GLY B 135 8.64 -20.40 16.05
CA GLY B 135 9.32 -19.70 17.12
C GLY B 135 10.34 -20.50 17.87
N GLU B 136 10.58 -21.75 17.49
CA GLU B 136 11.61 -22.56 18.12
C GLU B 136 12.21 -23.49 17.08
N ASN B 137 13.35 -24.08 17.40
CA ASN B 137 14.00 -25.02 16.49
C ASN B 137 13.53 -26.43 16.83
N THR B 138 12.58 -26.93 16.05
CA THR B 138 11.99 -28.25 16.28
C THR B 138 12.62 -29.33 15.42
N PHE B 139 12.88 -29.03 14.15
CA PHE B 139 13.40 -30.00 13.21
C PHE B 139 14.91 -30.13 13.30
N PRO C 2 -51.45 2.51 46.21
CA PRO C 2 -50.83 1.24 45.86
C PRO C 2 -49.56 1.45 45.06
N GLU C 3 -48.78 0.39 44.92
CA GLU C 3 -47.58 0.40 44.10
C GLU C 3 -47.65 -0.74 43.10
N GLU C 4 -47.06 -0.51 41.92
CA GLU C 4 -47.15 -1.51 40.87
C GLU C 4 -46.28 -2.72 41.21
N SER C 5 -46.85 -3.91 41.07
CA SER C 5 -46.15 -5.14 41.36
C SER C 5 -45.54 -5.73 40.08
N TRP C 6 -44.46 -6.49 40.27
CA TRP C 6 -43.80 -7.17 39.17
C TRP C 6 -44.53 -8.46 38.81
N GLU C 7 -44.83 -8.63 37.53
CA GLU C 7 -45.57 -9.78 37.03
C GLU C 7 -44.79 -10.40 35.88
N ASP C 8 -44.63 -11.73 35.90
CA ASP C 8 -43.94 -12.43 34.83
C ASP C 8 -44.92 -12.81 33.72
N ASP C 9 -45.52 -11.80 33.09
CA ASP C 9 -46.64 -12.00 32.18
C ASP C 9 -46.25 -11.98 30.71
N ILE C 10 -44.96 -11.88 30.39
CA ILE C 10 -44.53 -11.91 29.00
C ILE C 10 -43.95 -13.27 28.62
N ALA C 11 -43.45 -14.05 29.58
CA ALA C 11 -42.78 -15.30 29.27
C ALA C 11 -43.73 -16.36 28.73
N GLY C 12 -44.99 -16.37 29.18
CA GLY C 12 -45.95 -17.36 28.74
C GLY C 12 -46.61 -17.13 27.40
N GLN C 13 -46.16 -16.15 26.62
CA GLN C 13 -46.81 -15.85 25.36
C GLN C 13 -46.61 -16.97 24.36
N ARG C 14 -47.69 -17.34 23.67
CA ARG C 14 -47.60 -18.37 22.64
C ARG C 14 -46.58 -18.01 21.57
N THR C 15 -46.57 -16.74 21.15
CA THR C 15 -45.60 -16.25 20.17
C THR C 15 -44.98 -14.96 20.64
N PHE C 16 -43.98 -14.48 19.89
CA PHE C 16 -43.38 -13.16 20.10
C PHE C 16 -43.11 -12.50 18.75
N PRO C 17 -44.05 -11.76 18.17
CA PRO C 17 -43.80 -11.16 16.85
C PRO C 17 -42.85 -9.98 16.92
N GLU C 18 -42.15 -9.74 15.80
CA GLU C 18 -41.32 -8.57 15.67
C GLU C 18 -42.24 -7.38 15.42
N ASP C 19 -41.86 -6.21 15.93
CA ASP C 19 -42.73 -5.06 15.75
C ASP C 19 -42.82 -4.71 14.27
N PRO C 20 -44.03 -4.43 13.76
CA PRO C 20 -44.17 -4.17 12.32
C PRO C 20 -43.80 -2.76 11.91
N ASN C 21 -43.55 -1.86 12.87
CA ASN C 21 -43.30 -0.48 12.54
C ASN C 21 -42.42 0.16 13.62
N TYR C 22 -41.20 -0.34 13.75
CA TYR C 22 -40.17 0.28 14.57
C TYR C 22 -39.05 0.58 13.59
N PRO C 23 -39.01 1.79 13.03
CA PRO C 23 -38.15 2.06 11.87
C PRO C 23 -36.76 2.53 12.27
N VAL C 24 -35.81 1.61 12.26
CA VAL C 24 -34.42 1.93 12.57
C VAL C 24 -33.68 2.23 11.27
N MET C 25 -32.94 3.33 11.28
CA MET C 25 -32.26 3.87 10.11
C MET C 25 -30.79 3.46 10.21
N LYS C 26 -30.50 2.25 9.75
CA LYS C 26 -29.12 1.77 9.80
C LYS C 26 -28.30 2.44 8.71
N SER C 27 -27.16 3.02 9.09
CA SER C 27 -26.24 3.61 8.12
C SER C 27 -24.84 3.11 8.40
N THR C 28 -24.10 2.81 7.33
CA THR C 28 -22.71 2.39 7.49
C THR C 28 -21.90 3.54 8.08
N PHE C 29 -20.89 3.19 8.87
CA PHE C 29 -20.06 4.22 9.51
C PHE C 29 -19.44 5.15 8.47
N LYS C 30 -18.91 4.57 7.38
CA LYS C 30 -18.29 5.38 6.34
C LYS C 30 -19.28 6.36 5.73
N SER C 31 -20.53 5.94 5.52
CA SER C 31 -21.51 6.82 4.88
C SER C 31 -21.92 7.95 5.80
N GLU C 32 -21.76 7.78 7.11
CA GLU C 32 -22.15 8.81 8.06
C GLU C 32 -21.12 9.94 8.20
N TYR C 33 -19.86 9.69 7.86
CA TYR C 33 -18.84 10.70 8.07
C TYR C 33 -17.94 10.91 6.86
N PRO C 34 -17.64 12.16 6.53
CA PRO C 34 -16.70 12.42 5.44
C PRO C 34 -15.30 11.98 5.82
N PHE C 35 -14.46 11.79 4.79
CA PHE C 35 -13.11 11.27 4.99
C PHE C 35 -12.32 12.12 5.99
N GLU C 36 -12.52 13.44 5.98
CA GLU C 36 -11.76 14.32 6.86
C GLU C 36 -12.01 14.00 8.32
N LYS C 37 -13.28 13.97 8.73
CA LYS C 37 -13.63 13.63 10.11
C LYS C 37 -13.04 12.28 10.51
N ARG C 38 -13.12 11.29 9.62
CA ARG C 38 -12.70 9.94 9.97
C ARG C 38 -11.20 9.85 10.16
N LYS C 39 -10.43 10.45 9.24
CA LYS C 39 -8.97 10.46 9.40
C LYS C 39 -8.58 11.24 10.65
N ALA C 40 -9.22 12.39 10.90
CA ALA C 40 -8.93 13.15 12.11
C ALA C 40 -9.18 12.31 13.35
N GLU C 41 -10.29 11.57 13.38
CA GLU C 41 -10.62 10.74 14.54
C GLU C 41 -9.58 9.64 14.74
N SER C 42 -9.27 8.90 13.68
CA SER C 42 -8.31 7.80 13.79
C SER C 42 -6.94 8.30 14.24
N GLU C 43 -6.53 9.47 13.75
CA GLU C 43 -5.27 10.06 14.21
C GLU C 43 -5.31 10.39 15.69
N ARG C 44 -6.36 11.11 16.11
CA ARG C 44 -6.53 11.44 17.51
C ARG C 44 -6.42 10.20 18.38
N ILE C 45 -7.06 9.12 17.94
CA ILE C 45 -7.05 7.87 18.70
C ILE C 45 -5.65 7.27 18.74
N ALA C 46 -4.94 7.30 17.61
CA ALA C 46 -3.57 6.79 17.60
C ALA C 46 -2.71 7.52 18.61
N ASP C 47 -2.86 8.85 18.68
CA ASP C 47 -2.08 9.62 19.64
C ASP C 47 -2.48 9.32 21.07
N ARG C 48 -3.78 9.14 21.31
CA ARG C 48 -4.27 8.98 22.68
C ARG C 48 -4.18 7.54 23.18
N PHE C 49 -4.34 6.56 22.30
CA PHE C 49 -4.38 5.15 22.68
C PHE C 49 -3.30 4.42 21.88
N PRO C 50 -2.05 4.46 22.36
CA PRO C 50 -0.93 3.94 21.54
C PRO C 50 -1.00 2.45 21.24
N ASN C 51 -1.23 1.60 22.24
CA ASN C 51 -1.28 0.16 22.02
C ASN C 51 -2.67 -0.35 21.67
N ARG C 52 -3.44 0.46 20.93
CA ARG C 52 -4.81 0.13 20.60
C ARG C 52 -5.03 0.26 19.10
N ILE C 53 -5.75 -0.71 18.54
CA ILE C 53 -6.20 -0.70 17.16
C ILE C 53 -7.66 -0.25 17.14
N PRO C 54 -7.98 0.83 16.45
CA PRO C 54 -9.36 1.31 16.41
C PRO C 54 -10.19 0.63 15.33
N VAL C 55 -11.13 -0.21 15.74
CA VAL C 55 -11.89 -1.08 14.86
C VAL C 55 -13.31 -0.55 14.72
N ILE C 56 -13.78 -0.43 13.48
CA ILE C 56 -15.19 -0.19 13.19
C ILE C 56 -15.78 -1.54 12.82
N CYS C 57 -16.63 -2.09 13.69
CA CYS C 57 -17.16 -3.44 13.53
C CYS C 57 -18.67 -3.36 13.31
N GLU C 58 -19.11 -3.80 12.13
CA GLU C 58 -20.50 -3.70 11.74
C GLU C 58 -20.98 -5.05 11.21
N LYS C 59 -22.29 -5.26 11.28
CA LYS C 59 -22.86 -6.52 10.84
C LYS C 59 -23.00 -6.56 9.33
N ALA C 60 -22.66 -7.72 8.75
CA ALA C 60 -22.98 -7.95 7.35
C ALA C 60 -24.48 -7.82 7.15
N GLU C 61 -24.87 -7.05 6.14
CA GLU C 61 -26.28 -6.67 5.98
C GLU C 61 -27.20 -7.89 5.95
N LYS C 62 -26.90 -8.87 5.09
CA LYS C 62 -27.81 -9.98 4.83
C LYS C 62 -27.83 -11.04 5.93
N SER C 63 -27.07 -10.86 7.02
CA SER C 63 -26.91 -11.93 8.00
C SER C 63 -27.90 -11.81 9.15
N ASP C 64 -28.33 -12.97 9.65
CA ASP C 64 -29.33 -13.14 10.70
C ASP C 64 -28.73 -13.15 12.11
N ILE C 65 -27.44 -12.86 12.23
CA ILE C 65 -26.73 -12.75 13.52
C ILE C 65 -27.22 -11.52 14.30
N PRO C 66 -27.23 -11.56 15.64
CA PRO C 66 -27.66 -10.38 16.40
C PRO C 66 -26.81 -9.15 16.15
N GLU C 67 -27.45 -7.98 16.20
CA GLU C 67 -26.75 -6.71 16.16
C GLU C 67 -26.46 -6.17 17.56
N ILE C 68 -25.70 -5.07 17.59
CA ILE C 68 -25.50 -4.28 18.80
C ILE C 68 -25.16 -2.85 18.35
N ASP C 69 -25.37 -1.89 19.24
CA ASP C 69 -25.21 -0.47 18.91
C ASP C 69 -23.76 0.00 19.01
N LYS C 70 -22.90 -0.81 19.62
CA LYS C 70 -21.46 -0.53 19.62
C LYS C 70 -20.86 -0.97 18.31
N ARG C 71 -20.19 -0.05 17.63
CA ARG C 71 -19.36 -0.44 16.51
C ARG C 71 -17.92 0.01 16.63
N LYS C 72 -17.60 0.82 17.64
CA LYS C 72 -16.22 1.25 17.87
C LYS C 72 -15.61 0.37 18.93
N TYR C 73 -14.55 -0.36 18.56
CA TYR C 73 -13.86 -1.29 19.44
C TYR C 73 -12.39 -0.86 19.51
N LEU C 74 -11.92 -0.60 20.73
CA LEU C 74 -10.54 -0.20 20.97
C LEU C 74 -9.81 -1.48 21.37
N VAL C 75 -9.24 -2.16 20.39
CA VAL C 75 -8.72 -3.51 20.58
C VAL C 75 -7.25 -3.40 20.97
N PRO C 76 -6.84 -3.92 22.10
CA PRO C 76 -5.39 -3.93 22.41
C PRO C 76 -4.61 -4.64 21.31
N ALA C 77 -3.50 -4.02 20.92
CA ALA C 77 -2.76 -4.44 19.73
C ALA C 77 -2.22 -5.86 19.84
N ASP C 78 -1.91 -6.31 21.05
CA ASP C 78 -1.33 -7.64 21.23
C ASP C 78 -2.37 -8.76 21.19
N LEU C 79 -3.65 -8.40 21.05
CA LEU C 79 -4.72 -9.40 21.01
C LEU C 79 -4.68 -10.16 19.69
N THR C 80 -4.98 -11.45 19.75
CA THR C 80 -5.16 -12.21 18.52
C THR C 80 -6.55 -11.98 17.94
N VAL C 81 -6.70 -12.33 16.67
CA VAL C 81 -8.01 -12.30 16.02
C VAL C 81 -9.03 -13.06 16.86
N GLY C 82 -8.69 -14.27 17.30
CA GLY C 82 -9.64 -15.06 18.08
C GLY C 82 -10.10 -14.38 19.35
N GLN C 83 -9.17 -13.73 20.05
CA GLN C 83 -9.54 -13.02 21.28
C GLN C 83 -10.49 -11.85 20.99
N PHE C 84 -10.22 -11.08 19.93
CA PHE C 84 -11.12 -10.00 19.54
C PHE C 84 -12.49 -10.53 19.14
N VAL C 85 -12.51 -11.65 18.41
CA VAL C 85 -13.78 -12.26 18.03
C VAL C 85 -14.58 -12.62 19.26
N TYR C 86 -13.92 -13.17 20.29
CA TYR C 86 -14.65 -13.47 21.51
C TYR C 86 -15.21 -12.21 22.14
N VAL C 87 -14.47 -11.09 22.04
CA VAL C 87 -14.99 -9.82 22.53
C VAL C 87 -16.30 -9.46 21.80
N ILE C 88 -16.31 -9.62 20.48
CA ILE C 88 -17.54 -9.37 19.71
C ILE C 88 -18.67 -10.28 20.19
N ARG C 89 -18.38 -11.57 20.33
CA ARG C 89 -19.39 -12.52 20.76
C ARG C 89 -20.03 -12.08 22.07
N LYS C 90 -19.18 -11.76 23.06
CA LYS C 90 -19.67 -11.25 24.34
C LYS C 90 -20.52 -10.01 24.16
N ARG C 91 -20.12 -9.12 23.26
CA ARG C 91 -20.83 -7.84 23.17
C ARG C 91 -22.22 -8.04 22.57
N ILE C 92 -22.34 -8.86 21.52
CA ILE C 92 -23.63 -9.14 20.91
C ILE C 92 -24.34 -10.32 21.57
N MET C 93 -23.67 -11.04 22.48
CA MET C 93 -24.26 -12.17 23.20
C MET C 93 -24.71 -13.28 22.25
N LEU C 94 -23.84 -13.62 21.31
CA LEU C 94 -24.14 -14.74 20.43
C LEU C 94 -23.81 -16.05 21.14
N PRO C 95 -24.77 -16.98 21.24
CA PRO C 95 -24.52 -18.21 21.99
C PRO C 95 -23.40 -19.01 21.35
N PRO C 96 -22.62 -19.73 22.15
CA PRO C 96 -21.42 -20.38 21.62
C PRO C 96 -21.68 -21.41 20.55
N GLU C 97 -22.87 -22.03 20.55
CA GLU C 97 -23.20 -23.03 19.55
C GLU C 97 -23.30 -22.43 18.15
N LYS C 98 -23.36 -21.11 18.03
CA LYS C 98 -23.43 -20.42 16.75
C LYS C 98 -22.04 -19.95 16.35
N ALA C 99 -21.59 -20.36 15.17
CA ALA C 99 -20.34 -19.85 14.64
C ALA C 99 -20.46 -18.37 14.33
N ILE C 100 -19.34 -17.66 14.41
CA ILE C 100 -19.28 -16.26 14.02
C ILE C 100 -18.08 -16.09 13.09
N PHE C 101 -18.24 -15.24 12.09
CA PHE C 101 -17.22 -14.95 11.10
C PHE C 101 -16.97 -13.45 11.10
N ILE C 102 -15.72 -13.06 10.84
CA ILE C 102 -15.38 -11.66 10.64
C ILE C 102 -14.58 -11.54 9.36
N PHE C 103 -14.65 -10.35 8.76
CA PHE C 103 -14.02 -10.12 7.47
C PHE C 103 -13.32 -8.76 7.48
N VAL C 104 -12.07 -8.78 7.05
CA VAL C 104 -11.28 -7.60 6.70
C VAL C 104 -10.94 -7.71 5.22
N ASN C 105 -11.35 -6.71 4.44
CA ASN C 105 -11.18 -6.73 2.99
C ASN C 105 -11.76 -8.01 2.40
N ASP C 106 -12.93 -8.39 2.91
CA ASP C 106 -13.70 -9.55 2.44
C ASP C 106 -12.95 -10.87 2.64
N THR C 107 -12.05 -10.95 3.62
CA THR C 107 -11.34 -12.18 3.91
C THR C 107 -11.34 -12.48 5.41
N LEU C 108 -11.42 -13.77 5.74
CA LEU C 108 -11.38 -14.34 7.09
C LEU C 108 -9.97 -14.45 7.64
N PRO C 109 -9.60 -13.62 8.61
CA PRO C 109 -8.25 -13.67 9.15
C PRO C 109 -8.06 -14.91 10.00
N PRO C 110 -6.86 -15.49 10.01
CA PRO C 110 -6.60 -16.66 10.85
C PRO C 110 -6.67 -16.30 12.32
N THR C 111 -7.15 -17.25 13.12
CA THR C 111 -7.44 -17.01 14.53
C THR C 111 -6.22 -16.51 15.31
N ALA C 112 -5.01 -16.89 14.94
CA ALA C 112 -3.84 -16.59 15.74
C ALA C 112 -3.03 -15.42 15.20
N ALA C 113 -3.55 -14.73 14.19
CA ALA C 113 -2.93 -13.48 13.76
C ALA C 113 -3.11 -12.40 14.81
N LEU C 114 -2.10 -11.55 14.95
CA LEU C 114 -2.18 -10.42 15.86
C LEU C 114 -2.97 -9.30 15.21
N MET C 115 -3.84 -8.67 16.00
CA MET C 115 -4.63 -7.56 15.48
C MET C 115 -3.74 -6.45 14.93
N SER C 116 -2.55 -6.24 15.52
CA SER C 116 -1.63 -5.24 15.00
C SER C 116 -1.21 -5.55 13.57
N ALA C 117 -0.97 -6.83 13.27
CA ALA C 117 -0.55 -7.21 11.91
C ALA C 117 -1.70 -7.10 10.92
N ILE C 118 -2.90 -7.55 11.33
CA ILE C 118 -4.08 -7.39 10.49
C ILE C 118 -4.30 -5.92 10.19
N TYR C 119 -4.09 -5.06 11.20
CA TYR C 119 -4.19 -3.63 11.01
C TYR C 119 -3.13 -3.13 10.03
N GLN C 120 -1.89 -3.58 10.21
CA GLN C 120 -0.80 -3.14 9.34
C GLN C 120 -1.13 -3.38 7.87
N GLU C 121 -1.66 -4.55 7.54
CA GLU C 121 -1.92 -4.84 6.13
C GLU C 121 -3.28 -4.37 5.63
N HIS C 122 -4.30 -4.28 6.49
CA HIS C 122 -5.67 -4.09 6.02
C HIS C 122 -6.27 -2.75 6.44
N LYS C 123 -5.53 -1.89 7.13
CA LYS C 123 -6.08 -0.62 7.58
C LYS C 123 -6.58 0.23 6.40
N ASP C 124 -7.68 0.94 6.64
CA ASP C 124 -8.27 1.83 5.66
C ASP C 124 -7.37 3.05 5.46
N LYS C 125 -7.60 3.75 4.34
CA LYS C 125 -6.90 5.01 4.11
C LYS C 125 -7.22 6.03 5.19
N ASP C 126 -8.37 5.90 5.85
CA ASP C 126 -8.73 6.85 6.90
C ASP C 126 -8.18 6.47 8.26
N GLY C 127 -7.41 5.37 8.36
CA GLY C 127 -6.79 5.00 9.62
C GLY C 127 -7.56 3.97 10.43
N PHE C 128 -8.82 3.71 10.10
CA PHE C 128 -9.59 2.71 10.80
C PHE C 128 -9.42 1.32 10.18
N LEU C 129 -9.68 0.30 10.99
CA LEU C 129 -9.78 -1.07 10.52
C LEU C 129 -11.25 -1.43 10.46
N TYR C 130 -11.77 -1.67 9.27
CA TYR C 130 -13.17 -2.03 9.11
C TYR C 130 -13.30 -3.54 9.06
N VAL C 131 -14.07 -4.11 9.98
CA VAL C 131 -14.34 -5.54 9.99
C VAL C 131 -15.83 -5.72 10.04
N THR C 132 -16.35 -6.56 9.17
CA THR C 132 -17.76 -6.93 9.20
C THR C 132 -17.90 -8.32 9.78
N TYR C 133 -18.87 -8.49 10.67
CA TYR C 133 -19.13 -9.79 11.23
C TYR C 133 -20.45 -10.34 10.73
N SER C 134 -20.55 -11.66 10.75
CA SER C 134 -21.69 -12.36 10.18
C SER C 134 -21.79 -13.74 10.80
N GLY C 135 -22.95 -14.35 10.65
CA GLY C 135 -23.14 -15.72 11.10
C GLY C 135 -22.88 -16.74 10.02
N GLU C 136 -22.44 -16.29 8.84
CA GLU C 136 -22.12 -17.18 7.73
C GLU C 136 -21.02 -16.52 6.91
N ASN C 137 -20.43 -17.29 6.00
CA ASN C 137 -19.41 -16.74 5.11
C ASN C 137 -20.12 -16.02 3.98
N THR C 138 -20.12 -14.69 4.03
CA THR C 138 -20.86 -13.89 3.06
C THR C 138 -20.00 -13.45 1.91
N PHE C 139 -18.89 -14.16 1.66
CA PHE C 139 -18.01 -13.87 0.53
C PHE C 139 -17.50 -15.16 -0.11
N GLY C 140 -18.29 -16.24 -0.03
CA GLY C 140 -17.94 -17.49 -0.67
C GLY C 140 -18.99 -17.96 -1.67
N PRO D 2 40.45 18.85 -31.52
CA PRO D 2 39.29 19.38 -32.24
C PRO D 2 38.15 19.71 -31.27
N GLU D 3 36.95 19.85 -31.81
CA GLU D 3 35.75 19.97 -30.99
C GLU D 3 34.75 18.89 -31.38
N GLU D 4 34.08 18.33 -30.38
CA GLU D 4 33.05 17.32 -30.62
C GLU D 4 31.87 17.89 -31.38
N SER D 5 31.39 17.14 -32.37
CA SER D 5 30.25 17.51 -33.19
C SER D 5 28.97 16.91 -32.61
N TRP D 6 27.85 17.58 -32.90
CA TRP D 6 26.54 17.09 -32.49
C TRP D 6 26.03 16.05 -33.49
N GLU D 7 25.62 14.89 -32.98
CA GLU D 7 25.12 13.80 -33.81
C GLU D 7 23.77 13.32 -33.27
N ASP D 8 22.80 13.15 -34.18
CA ASP D 8 21.48 12.67 -33.80
C ASP D 8 21.43 11.14 -33.80
N ASP D 9 22.28 10.55 -32.95
CA ASP D 9 22.55 9.12 -32.98
C ASP D 9 21.83 8.33 -31.88
N ILE D 10 20.93 8.94 -31.12
CA ILE D 10 20.27 8.18 -30.05
C ILE D 10 18.97 7.62 -30.63
N ALA D 11 19.10 6.86 -31.71
CA ALA D 11 17.93 6.29 -32.36
C ALA D 11 17.27 5.23 -31.50
N GLY D 12 18.06 4.49 -30.73
CA GLY D 12 17.53 3.46 -29.86
C GLY D 12 16.95 2.33 -30.68
N GLN D 13 16.45 1.29 -30.01
CA GLN D 13 15.92 0.12 -30.70
C GLN D 13 14.43 0.38 -30.88
N ARG D 14 14.09 1.65 -30.94
CA ARG D 14 12.80 2.30 -30.96
C ARG D 14 11.90 1.91 -29.80
N THR D 15 12.40 1.11 -28.85
CA THR D 15 12.01 1.16 -27.44
C THR D 15 13.27 1.48 -26.63
N PHE D 16 13.19 2.49 -25.76
CA PHE D 16 14.34 2.87 -24.98
C PHE D 16 14.19 2.25 -23.61
N PRO D 17 14.98 1.25 -23.24
CA PRO D 17 14.80 0.64 -21.92
C PRO D 17 15.21 1.60 -20.83
N GLU D 18 14.56 1.43 -19.68
CA GLU D 18 14.90 2.22 -18.50
C GLU D 18 16.16 1.65 -17.88
N ASP D 19 16.95 2.51 -17.25
CA ASP D 19 18.18 2.04 -16.65
C ASP D 19 17.88 1.02 -15.56
N PRO D 20 18.60 -0.10 -15.50
CA PRO D 20 18.29 -1.15 -14.53
C PRO D 20 18.80 -0.89 -13.13
N ASN D 21 19.61 0.14 -12.93
CA ASN D 21 20.26 0.37 -11.65
C ASN D 21 20.54 1.86 -11.48
N TYR D 22 19.47 2.65 -11.42
CA TYR D 22 19.53 4.08 -11.11
C TYR D 22 18.67 4.26 -9.87
N PRO D 23 19.24 4.17 -8.67
CA PRO D 23 18.41 4.09 -7.47
C PRO D 23 18.15 5.44 -6.83
N VAL D 24 17.10 6.10 -7.28
CA VAL D 24 16.63 7.36 -6.70
C VAL D 24 15.43 7.05 -5.84
N MET D 25 15.46 7.49 -4.58
CA MET D 25 14.49 7.06 -3.57
C MET D 25 13.60 8.24 -3.19
N LYS D 26 12.58 8.48 -4.01
CA LYS D 26 11.61 9.53 -3.72
C LYS D 26 10.75 9.16 -2.51
N SER D 27 10.51 10.15 -1.65
CA SER D 27 9.68 9.97 -0.47
C SER D 27 8.50 10.94 -0.53
N THR D 28 7.50 10.69 0.31
CA THR D 28 6.41 11.64 0.44
C THR D 28 6.87 12.86 1.20
N PHE D 29 6.28 14.01 0.86
CA PHE D 29 6.64 15.26 1.49
C PHE D 29 6.43 15.19 3.01
N LYS D 30 5.29 14.64 3.44
CA LYS D 30 5.01 14.54 4.87
C LYS D 30 6.04 13.70 5.60
N SER D 31 6.50 12.61 4.96
CA SER D 31 7.47 11.73 5.63
C SER D 31 8.85 12.36 5.74
N GLU D 32 9.19 13.30 4.86
CA GLU D 32 10.51 13.91 4.90
C GLU D 32 10.62 15.02 5.94
N TYR D 33 9.51 15.64 6.33
CA TYR D 33 9.59 16.75 7.25
C TYR D 33 8.60 16.57 8.40
N PRO D 34 9.04 16.80 9.63
CA PRO D 34 8.12 16.68 10.77
C PRO D 34 7.05 17.75 10.72
N PHE D 35 5.94 17.49 11.43
CA PHE D 35 4.80 18.39 11.38
C PHE D 35 5.17 19.83 11.66
N GLU D 36 5.92 20.06 12.74
CA GLU D 36 6.22 21.42 13.16
C GLU D 36 6.93 22.20 12.06
N LYS D 37 7.85 21.55 11.34
CA LYS D 37 8.50 22.18 10.21
C LYS D 37 7.50 22.55 9.12
N ARG D 38 6.60 21.62 8.78
CA ARG D 38 5.60 21.88 7.76
C ARG D 38 4.67 23.04 8.14
N LYS D 39 4.27 23.11 9.40
CA LYS D 39 3.39 24.18 9.84
C LYS D 39 4.11 25.53 9.82
N ALA D 40 5.36 25.57 10.30
CA ALA D 40 6.13 26.79 10.21
C ALA D 40 6.27 27.25 8.77
N GLU D 41 6.57 26.31 7.86
CA GLU D 41 6.72 26.67 6.45
C GLU D 41 5.43 27.22 5.87
N SER D 42 4.30 26.55 6.11
CA SER D 42 3.03 27.03 5.58
C SER D 42 2.66 28.40 6.13
N GLU D 43 2.86 28.62 7.42
CA GLU D 43 2.59 29.95 8.00
C GLU D 43 3.47 31.01 7.35
N ARG D 44 4.76 30.71 7.18
CA ARG D 44 5.68 31.63 6.54
C ARG D 44 5.27 31.95 5.10
N ILE D 45 4.86 30.93 4.34
CA ILE D 45 4.46 31.14 2.94
C ILE D 45 3.16 31.93 2.87
N ALA D 46 2.19 31.59 3.72
CA ALA D 46 0.92 32.31 3.74
C ALA D 46 1.14 33.78 4.04
N ASP D 47 1.97 34.09 5.04
CA ASP D 47 2.30 35.49 5.32
C ASP D 47 2.99 36.14 4.13
N ARG D 48 3.99 35.46 3.56
CA ARG D 48 4.79 36.07 2.51
C ARG D 48 3.99 36.21 1.21
N PHE D 49 3.15 35.22 0.90
CA PHE D 49 2.37 35.22 -0.34
C PHE D 49 0.87 35.21 -0.05
N PRO D 50 0.28 36.36 0.26
CA PRO D 50 -1.17 36.42 0.43
C PRO D 50 -1.82 36.16 -0.92
N ASN D 51 -3.08 35.74 -0.88
CA ASN D 51 -3.83 35.39 -2.09
C ASN D 51 -3.20 34.25 -2.87
N ARG D 52 -2.32 33.47 -2.24
CA ARG D 52 -1.78 32.25 -2.84
C ARG D 52 -2.08 31.06 -1.93
N ILE D 53 -2.50 29.98 -2.55
CA ILE D 53 -2.76 28.70 -1.89
C ILE D 53 -1.53 27.82 -2.05
N PRO D 54 -0.90 27.41 -0.96
CA PRO D 54 0.30 26.55 -1.06
C PRO D 54 -0.09 25.08 -1.18
N VAL D 55 0.15 24.49 -2.35
CA VAL D 55 -0.28 23.14 -2.65
C VAL D 55 0.94 22.23 -2.69
N ILE D 56 0.85 21.09 -2.00
CA ILE D 56 1.80 20.00 -2.16
C ILE D 56 1.17 18.97 -3.09
N CYS D 57 1.73 18.86 -4.30
CA CYS D 57 1.17 18.01 -5.35
C CYS D 57 2.14 16.89 -5.65
N GLU D 58 1.72 15.66 -5.41
CA GLU D 58 2.58 14.49 -5.56
C GLU D 58 1.87 13.44 -6.41
N LYS D 59 2.66 12.57 -7.03
CA LYS D 59 2.11 11.56 -7.91
C LYS D 59 1.57 10.38 -7.10
N ALA D 60 0.44 9.85 -7.54
CA ALA D 60 -0.09 8.61 -6.98
C ALA D 60 0.92 7.48 -7.17
N GLU D 61 1.06 6.64 -6.14
CA GLU D 61 2.13 5.66 -6.07
C GLU D 61 2.16 4.77 -7.31
N LYS D 62 1.03 4.17 -7.66
CA LYS D 62 0.98 3.11 -8.65
C LYS D 62 0.81 3.59 -10.09
N SER D 63 0.79 4.90 -10.34
CA SER D 63 0.49 5.42 -11.65
C SER D 63 1.76 5.67 -12.45
N ASP D 64 1.73 5.30 -13.73
CA ASP D 64 2.87 5.47 -14.62
C ASP D 64 2.86 6.80 -15.34
N ILE D 65 2.02 7.74 -14.90
CA ILE D 65 2.01 9.11 -15.38
C ILE D 65 3.38 9.68 -15.06
N PRO D 66 3.92 10.60 -15.86
CA PRO D 66 5.26 11.11 -15.56
C PRO D 66 5.36 11.80 -14.21
N GLU D 67 6.53 11.69 -13.61
CA GLU D 67 6.88 12.46 -12.42
C GLU D 67 7.53 13.79 -12.81
N ILE D 68 7.77 14.62 -11.80
CA ILE D 68 8.56 15.82 -11.93
C ILE D 68 9.14 16.13 -10.56
N ASP D 69 10.22 16.91 -10.53
CA ASP D 69 10.92 17.17 -9.27
C ASP D 69 10.24 18.28 -8.46
N LYS D 70 9.31 19.00 -9.07
CA LYS D 70 8.52 20.01 -8.39
C LYS D 70 7.28 19.41 -7.74
N ARG D 71 7.10 19.64 -6.44
CA ARG D 71 5.83 19.36 -5.79
C ARG D 71 5.18 20.54 -5.08
N LYS D 72 5.84 21.70 -4.99
CA LYS D 72 5.29 22.89 -4.35
C LYS D 72 4.69 23.81 -5.41
N TYR D 73 3.39 24.09 -5.29
CA TYR D 73 2.67 24.93 -6.25
C TYR D 73 2.04 26.09 -5.49
N LEU D 74 2.37 27.31 -5.91
CA LEU D 74 1.81 28.53 -5.32
C LEU D 74 0.67 28.99 -6.22
N VAL D 75 -0.55 28.55 -5.90
CA VAL D 75 -1.67 28.73 -6.81
C VAL D 75 -2.40 30.03 -6.49
N PRO D 76 -2.61 30.90 -7.48
CA PRO D 76 -3.48 32.06 -7.25
C PRO D 76 -4.86 31.62 -6.78
N ALA D 77 -5.38 32.32 -5.78
CA ALA D 77 -6.60 31.85 -5.11
C ALA D 77 -7.79 31.77 -6.06
N ASP D 78 -7.81 32.62 -7.10
CA ASP D 78 -8.92 32.66 -8.03
C ASP D 78 -8.82 31.60 -9.13
N LEU D 79 -7.78 30.77 -9.15
CA LEU D 79 -7.69 29.72 -10.15
C LEU D 79 -8.73 28.64 -9.91
N THR D 80 -9.29 28.12 -11.00
CA THR D 80 -10.15 26.95 -10.90
C THR D 80 -9.31 25.68 -10.82
N VAL D 81 -9.97 24.61 -10.39
CA VAL D 81 -9.37 23.27 -10.42
C VAL D 81 -8.84 22.94 -11.81
N GLY D 82 -9.67 23.16 -12.83
CA GLY D 82 -9.23 22.83 -14.19
C GLY D 82 -7.98 23.60 -14.59
N GLN D 83 -7.90 24.87 -14.22
CA GLN D 83 -6.72 25.67 -14.53
C GLN D 83 -5.48 25.12 -13.83
N PHE D 84 -5.61 24.75 -12.55
CA PHE D 84 -4.49 24.17 -11.82
C PHE D 84 -4.07 22.83 -12.42
N VAL D 85 -5.04 22.03 -12.85
CA VAL D 85 -4.73 20.76 -13.51
C VAL D 85 -3.90 21.01 -14.76
N TYR D 86 -4.26 22.05 -15.53
CA TYR D 86 -3.46 22.41 -16.69
C TYR D 86 -2.05 22.85 -16.29
N VAL D 87 -1.92 23.57 -15.17
CA VAL D 87 -0.60 23.94 -14.69
C VAL D 87 0.26 22.70 -14.48
N ILE D 88 -0.33 21.69 -13.82
CA ILE D 88 0.37 20.43 -13.62
C ILE D 88 0.73 19.78 -14.95
N ARG D 89 -0.22 19.75 -15.89
CA ARG D 89 0.02 19.14 -17.20
C ARG D 89 1.23 19.77 -17.89
N LYS D 90 1.30 21.10 -17.89
CA LYS D 90 2.45 21.78 -18.49
C LYS D 90 3.73 21.46 -17.73
N ARG D 91 3.66 21.35 -16.40
CA ARG D 91 4.88 21.09 -15.64
C ARG D 91 5.44 19.69 -15.92
N ILE D 92 4.57 18.66 -15.95
CA ILE D 92 5.04 17.30 -16.24
C ILE D 92 5.06 16.99 -17.73
N MET D 93 4.54 17.88 -18.57
CA MET D 93 4.54 17.76 -20.03
C MET D 93 3.79 16.49 -20.48
N LEU D 94 2.62 16.25 -19.88
CA LEU D 94 1.78 15.12 -20.30
C LEU D 94 0.96 15.50 -21.53
N PRO D 95 1.03 14.72 -22.61
CA PRO D 95 0.30 15.08 -23.83
C PRO D 95 -1.19 15.12 -23.58
N PRO D 96 -1.92 15.99 -24.30
CA PRO D 96 -3.35 16.20 -23.98
C PRO D 96 -4.23 14.98 -24.16
N GLU D 97 -3.84 14.03 -25.02
CA GLU D 97 -4.64 12.82 -25.21
C GLU D 97 -4.69 11.96 -23.96
N LYS D 98 -3.73 12.11 -23.05
CA LYS D 98 -3.73 11.36 -21.80
C LYS D 98 -4.53 12.10 -20.73
N ALA D 99 -5.41 11.37 -20.06
CA ALA D 99 -6.17 11.96 -18.96
C ALA D 99 -5.26 12.19 -17.76
N ILE D 100 -5.61 13.21 -16.98
CA ILE D 100 -4.98 13.45 -15.70
C ILE D 100 -6.08 13.65 -14.69
N PHE D 101 -5.89 13.11 -13.49
CA PHE D 101 -6.82 13.20 -12.40
C PHE D 101 -6.08 13.73 -11.19
N ILE D 102 -6.77 14.50 -10.37
CA ILE D 102 -6.21 14.91 -9.09
C ILE D 102 -7.21 14.57 -8.01
N PHE D 103 -6.70 14.35 -6.80
CA PHE D 103 -7.47 13.89 -5.67
C PHE D 103 -7.11 14.73 -4.47
N VAL D 104 -8.16 15.22 -3.79
CA VAL D 104 -8.04 15.79 -2.46
C VAL D 104 -8.86 14.88 -1.57
N ASN D 105 -8.17 14.14 -0.69
CA ASN D 105 -8.78 13.18 0.22
C ASN D 105 -9.77 12.26 -0.51
N ASP D 106 -9.23 11.52 -1.47
CA ASP D 106 -9.96 10.45 -2.18
C ASP D 106 -11.24 10.97 -2.84
N THR D 107 -11.23 12.22 -3.31
CA THR D 107 -12.35 12.74 -4.09
C THR D 107 -11.83 13.64 -5.21
N LEU D 108 -12.48 13.52 -6.38
CA LEU D 108 -12.20 14.31 -7.57
C LEU D 108 -12.89 15.67 -7.49
N PRO D 109 -12.13 16.77 -7.35
CA PRO D 109 -12.76 18.08 -7.27
C PRO D 109 -13.34 18.48 -8.62
N PRO D 110 -14.49 19.16 -8.63
CA PRO D 110 -15.08 19.59 -9.90
C PRO D 110 -14.22 20.66 -10.58
N THR D 111 -14.25 20.63 -11.92
CA THR D 111 -13.40 21.51 -12.71
C THR D 111 -13.59 22.98 -12.36
N ALA D 112 -14.83 23.41 -12.17
CA ALA D 112 -15.13 24.83 -12.01
C ALA D 112 -15.12 25.29 -10.55
N ALA D 113 -14.74 24.45 -9.61
CA ALA D 113 -14.50 24.89 -8.25
C ALA D 113 -13.22 25.73 -8.16
N LEU D 114 -13.25 26.73 -7.29
CA LEU D 114 -12.08 27.56 -7.02
C LEU D 114 -11.13 26.87 -6.06
N MET D 115 -9.82 26.98 -6.35
CA MET D 115 -8.82 26.40 -5.47
C MET D 115 -8.92 26.98 -4.06
N SER D 116 -9.28 28.26 -3.93
CA SER D 116 -9.45 28.84 -2.60
C SER D 116 -10.55 28.13 -1.82
N ALA D 117 -11.64 27.73 -2.49
CA ALA D 117 -12.72 27.04 -1.80
C ALA D 117 -12.32 25.62 -1.43
N ILE D 118 -11.64 24.91 -2.34
CA ILE D 118 -11.13 23.58 -2.02
C ILE D 118 -10.18 23.65 -0.84
N TYR D 119 -9.36 24.70 -0.80
CA TYR D 119 -8.44 24.93 0.31
C TYR D 119 -9.21 25.17 1.59
N GLN D 120 -10.21 26.06 1.55
CA GLN D 120 -11.00 26.36 2.73
C GLN D 120 -11.57 25.09 3.33
N GLU D 121 -12.01 24.16 2.49
CA GLU D 121 -12.62 22.94 3.02
C GLU D 121 -11.61 21.88 3.43
N HIS D 122 -10.51 21.74 2.69
CA HIS D 122 -9.71 20.53 2.75
C HIS D 122 -8.28 20.71 3.21
N LYS D 123 -7.84 21.92 3.55
CA LYS D 123 -6.44 22.12 3.94
C LYS D 123 -6.04 21.21 5.10
N ASP D 124 -4.79 20.78 5.07
CA ASP D 124 -4.23 19.93 6.12
C ASP D 124 -4.14 20.73 7.42
N LYS D 125 -3.97 20.00 8.53
CA LYS D 125 -3.70 20.69 9.80
C LYS D 125 -2.39 21.47 9.76
N ASP D 126 -1.48 21.15 8.84
CA ASP D 126 -0.22 21.86 8.74
C ASP D 126 -0.30 23.11 7.86
N GLY D 127 -1.49 23.43 7.34
CA GLY D 127 -1.69 24.63 6.56
C GLY D 127 -1.60 24.45 5.06
N PHE D 128 -1.08 23.30 4.60
CA PHE D 128 -0.99 23.00 3.18
C PHE D 128 -2.24 22.31 2.66
N LEU D 129 -2.42 22.41 1.35
CA LEU D 129 -3.40 21.62 0.62
C LEU D 129 -2.68 20.48 -0.10
N TYR D 130 -3.00 19.25 0.27
CA TYR D 130 -2.37 18.09 -0.35
C TYR D 130 -3.20 17.59 -1.52
N VAL D 131 -2.55 17.48 -2.68
CA VAL D 131 -3.19 17.04 -3.91
C VAL D 131 -2.39 15.87 -4.48
N THR D 132 -3.07 14.79 -4.85
CA THR D 132 -2.44 13.68 -5.53
C THR D 132 -2.80 13.75 -7.00
N TYR D 133 -1.82 13.60 -7.90
CA TYR D 133 -2.17 13.52 -9.30
C TYR D 133 -1.86 12.12 -9.82
N SER D 134 -2.59 11.73 -10.86
CA SER D 134 -2.52 10.36 -11.38
C SER D 134 -3.01 10.35 -12.81
N GLY D 135 -2.66 9.29 -13.52
CA GLY D 135 -3.14 9.04 -14.85
C GLY D 135 -4.34 8.14 -14.91
N GLU D 136 -4.80 7.64 -13.77
CA GLU D 136 -5.94 6.73 -13.70
C GLU D 136 -6.77 7.08 -12.47
N ASN D 137 -8.09 6.91 -12.60
CA ASN D 137 -9.01 7.17 -11.51
C ASN D 137 -8.99 6.01 -10.52
N THR D 138 -8.98 6.34 -9.22
CA THR D 138 -8.85 5.32 -8.18
C THR D 138 -10.22 4.83 -7.72
N PRO E 2 18.89 18.91 -1.16
CA PRO E 2 18.45 20.31 -1.15
C PRO E 2 16.93 20.44 -1.24
N GLU E 3 16.34 21.26 -0.38
CA GLU E 3 14.89 21.41 -0.35
C GLU E 3 14.41 22.26 -1.51
N GLU E 4 13.17 22.01 -1.93
CA GLU E 4 12.54 22.73 -3.02
C GLU E 4 12.02 24.09 -2.54
N SER E 5 12.26 25.11 -3.35
CA SER E 5 11.84 26.47 -3.00
C SER E 5 10.45 26.78 -3.52
N TRP E 6 9.74 27.65 -2.79
CA TRP E 6 8.43 28.12 -3.22
C TRP E 6 8.62 29.23 -4.23
N GLU E 7 7.93 29.12 -5.36
CA GLU E 7 8.09 30.08 -6.44
C GLU E 7 6.74 30.63 -6.87
N ASP E 8 6.67 31.96 -6.99
CA ASP E 8 5.44 32.63 -7.44
C ASP E 8 5.41 32.69 -8.96
N ASP E 9 5.48 31.51 -9.57
CA ASP E 9 5.64 31.38 -11.01
C ASP E 9 4.38 30.95 -11.75
N ILE E 10 3.24 30.86 -11.06
CA ILE E 10 2.02 30.43 -11.74
C ILE E 10 1.15 31.61 -12.17
N ALA E 11 1.35 32.80 -11.59
CA ALA E 11 0.48 33.94 -11.92
C ALA E 11 0.57 34.28 -13.39
N GLY E 12 1.73 34.05 -14.00
CA GLY E 12 1.92 34.21 -15.43
C GLY E 12 0.76 33.63 -16.22
N ARG E 14 -1.31 35.43 -17.36
CA ARG E 14 -2.12 35.81 -18.51
C ARG E 14 -3.59 35.62 -18.23
N THR E 15 -4.21 34.82 -19.10
CA THR E 15 -5.40 34.07 -18.75
C THR E 15 -4.98 32.61 -18.67
N PHE E 16 -5.64 31.88 -17.78
CA PHE E 16 -5.20 30.52 -17.46
C PHE E 16 -6.08 29.52 -18.18
N PRO E 17 -5.56 28.76 -19.14
CA PRO E 17 -6.42 27.83 -19.86
C PRO E 17 -6.81 26.64 -18.99
N GLU E 18 -8.00 26.11 -19.26
CA GLU E 18 -8.50 24.92 -18.58
C GLU E 18 -7.84 23.68 -19.16
N ASP E 19 -7.68 22.65 -18.32
CA ASP E 19 -7.07 21.42 -18.78
C ASP E 19 -7.93 20.76 -19.86
N PRO E 20 -7.33 20.26 -20.93
CA PRO E 20 -8.12 19.69 -22.03
C PRO E 20 -8.63 18.28 -21.78
N ASN E 21 -8.21 17.63 -20.71
CA ASN E 21 -8.58 16.25 -20.46
C ASN E 21 -8.52 15.95 -18.97
N TYR E 22 -9.40 16.58 -18.20
CA TYR E 22 -9.55 16.29 -16.77
C TYR E 22 -10.97 15.79 -16.53
N PRO E 23 -11.19 14.48 -16.50
CA PRO E 23 -12.56 13.95 -16.57
C PRO E 23 -13.24 13.66 -15.23
N VAL E 24 -14.03 14.61 -14.72
CA VAL E 24 -14.84 14.39 -13.53
C VAL E 24 -16.24 14.06 -14.01
N MET E 25 -16.96 13.26 -13.21
CA MET E 25 -18.29 12.80 -13.60
C MET E 25 -19.19 13.95 -13.97
N LYS E 26 -19.33 14.93 -13.07
CA LYS E 26 -20.23 16.07 -13.22
C LYS E 26 -21.59 15.62 -13.75
N SER E 27 -22.34 14.92 -12.90
CA SER E 27 -23.70 14.54 -13.21
C SER E 27 -24.62 15.03 -12.10
N THR E 28 -25.93 15.00 -12.38
CA THR E 28 -26.92 15.45 -11.42
C THR E 28 -27.17 14.38 -10.37
N PHE E 29 -27.51 14.84 -9.17
CA PHE E 29 -27.75 13.92 -8.05
C PHE E 29 -28.85 12.92 -8.37
N LYS E 30 -29.97 13.39 -8.92
CA LYS E 30 -31.08 12.49 -9.25
C LYS E 30 -30.64 11.43 -10.25
N SER E 31 -29.82 11.81 -11.23
CA SER E 31 -29.39 10.85 -12.25
C SER E 31 -28.42 9.82 -11.72
N GLU E 32 -27.69 10.13 -10.64
CA GLU E 32 -26.72 9.18 -10.09
C GLU E 32 -27.36 8.14 -9.18
N TYR E 33 -28.49 8.44 -8.57
CA TYR E 33 -29.08 7.55 -7.59
C TYR E 33 -30.56 7.33 -7.89
N PRO E 34 -31.02 6.08 -7.82
CA PRO E 34 -32.44 5.82 -8.08
C PRO E 34 -33.32 6.43 -7.00
N PHE E 35 -34.61 6.57 -7.33
CA PHE E 35 -35.54 7.20 -6.40
C PHE E 35 -35.51 6.50 -5.05
N GLU E 36 -35.68 5.17 -5.04
CA GLU E 36 -35.80 4.44 -3.79
C GLU E 36 -34.61 4.70 -2.87
N LYS E 37 -33.40 4.71 -3.42
CA LYS E 37 -32.23 5.06 -2.62
C LYS E 37 -32.33 6.49 -2.07
N ARG E 38 -32.84 7.42 -2.88
CA ARG E 38 -32.93 8.81 -2.44
C ARG E 38 -33.97 8.98 -1.32
N LYS E 39 -35.13 8.36 -1.48
CA LYS E 39 -36.15 8.41 -0.44
C LYS E 39 -35.66 7.76 0.85
N ALA E 40 -34.96 6.63 0.73
CA ALA E 40 -34.34 6.03 1.90
C ALA E 40 -33.38 6.99 2.59
N GLU E 41 -32.57 7.70 1.79
CA GLU E 41 -31.60 8.62 2.38
C GLU E 41 -32.29 9.76 3.10
N SER E 42 -33.25 10.41 2.45
CA SER E 42 -33.95 11.53 3.08
C SER E 42 -34.70 11.10 4.32
N GLU E 43 -35.29 9.90 4.30
CA GLU E 43 -35.92 9.35 5.50
C GLU E 43 -34.90 9.25 6.63
N ARG E 44 -33.74 8.65 6.33
CA ARG E 44 -32.74 8.47 7.37
C ARG E 44 -32.24 9.80 7.92
N ILE E 45 -32.02 10.77 7.02
CA ILE E 45 -31.52 12.07 7.45
C ILE E 45 -32.56 12.79 8.31
N ALA E 46 -33.84 12.71 7.91
CA ALA E 46 -34.89 13.29 8.75
C ALA E 46 -34.89 12.66 10.14
N ASP E 47 -34.64 11.36 10.20
CA ASP E 47 -34.59 10.70 11.51
C ASP E 47 -33.32 11.04 12.28
N ARG E 48 -32.25 11.38 11.57
CA ARG E 48 -30.92 11.57 12.14
C ARG E 48 -30.67 13.01 12.55
N PHE E 49 -31.20 13.96 11.77
CA PHE E 49 -31.04 15.39 12.03
C PHE E 49 -32.39 16.07 12.07
N PRO E 50 -33.11 15.98 13.20
CA PRO E 50 -34.37 16.69 13.31
C PRO E 50 -34.11 18.19 13.32
N ASN E 51 -35.12 18.96 12.94
CA ASN E 51 -35.02 20.41 12.83
C ASN E 51 -33.96 20.84 11.82
N ARG E 52 -33.67 19.99 10.83
CA ARG E 52 -32.77 20.31 9.72
C ARG E 52 -33.47 20.05 8.40
N ILE E 53 -33.28 20.95 7.46
CA ILE E 53 -33.81 20.82 6.10
C ILE E 53 -32.70 20.27 5.22
N PRO E 54 -32.86 19.10 4.64
CA PRO E 54 -31.81 18.52 3.79
C PRO E 54 -31.91 18.99 2.34
N VAL E 55 -30.96 19.83 1.91
CA VAL E 55 -31.02 20.47 0.60
C VAL E 55 -29.99 19.83 -0.32
N ILE E 56 -30.42 19.50 -1.54
CA ILE E 56 -29.52 19.10 -2.61
C ILE E 56 -29.36 20.32 -3.51
N CYS E 57 -28.18 20.95 -3.47
CA CYS E 57 -27.94 22.23 -4.14
C CYS E 57 -26.90 22.06 -5.25
N GLU E 58 -27.32 22.31 -6.49
CA GLU E 58 -26.48 22.08 -7.65
C GLU E 58 -26.46 23.30 -8.57
N LYS E 59 -25.42 23.40 -9.37
CA LYS E 59 -25.27 24.52 -10.29
C LYS E 59 -26.08 24.31 -11.55
N ALA E 60 -26.74 25.38 -11.99
CA ALA E 60 -27.36 25.38 -13.32
C ALA E 60 -26.30 25.14 -14.37
N GLU E 61 -26.60 24.23 -15.31
CA GLU E 61 -25.59 23.75 -16.24
C GLU E 61 -24.96 24.88 -17.04
N LYS E 62 -25.77 25.81 -17.55
CA LYS E 62 -25.26 26.83 -18.46
C LYS E 62 -24.55 27.99 -17.76
N SER E 63 -24.45 27.98 -16.44
CA SER E 63 -23.91 29.12 -15.71
C SER E 63 -22.43 28.90 -15.40
N ASP E 64 -21.64 29.96 -15.58
CA ASP E 64 -20.20 29.94 -15.37
C ASP E 64 -19.81 30.29 -13.94
N ILE E 65 -20.77 30.34 -13.03
CA ILE E 65 -20.54 30.56 -11.61
C ILE E 65 -19.71 29.38 -11.11
N PRO E 66 -18.84 29.55 -10.11
CA PRO E 66 -18.02 28.43 -9.66
C PRO E 66 -18.82 27.24 -9.14
N GLU E 67 -18.22 26.05 -9.29
CA GLU E 67 -18.73 24.84 -8.66
C GLU E 67 -18.11 24.69 -7.28
N ILE E 68 -18.59 23.67 -6.55
CA ILE E 68 -17.97 23.21 -5.31
C ILE E 68 -18.34 21.76 -5.17
N ASP E 69 -17.57 21.02 -4.36
CA ASP E 69 -17.81 19.59 -4.25
C ASP E 69 -18.94 19.26 -3.29
N LYS E 70 -19.39 20.20 -2.47
CA LYS E 70 -20.55 19.98 -1.61
C LYS E 70 -21.84 20.32 -2.34
N ARG E 71 -22.76 19.36 -2.40
CA ARG E 71 -24.14 19.64 -2.78
C ARG E 71 -25.17 19.23 -1.75
N LYS E 72 -24.78 18.52 -0.69
CA LYS E 72 -25.67 18.16 0.40
C LYS E 72 -25.49 19.19 1.52
N TYR E 73 -26.56 19.93 1.84
CA TYR E 73 -26.52 20.98 2.85
C TYR E 73 -27.58 20.72 3.91
N LEU E 74 -27.17 20.68 5.16
CA LEU E 74 -28.07 20.45 6.28
C LEU E 74 -28.42 21.80 6.91
N VAL E 75 -29.53 22.40 6.48
CA VAL E 75 -29.83 23.79 6.81
C VAL E 75 -30.68 23.85 8.08
N PRO E 76 -30.29 24.64 9.08
CA PRO E 76 -31.17 24.85 10.24
C PRO E 76 -32.52 25.39 9.80
N ALA E 77 -33.58 24.85 10.39
CA ALA E 77 -34.93 25.13 9.91
C ALA E 77 -35.29 26.62 10.02
N ASP E 78 -34.70 27.32 10.98
CA ASP E 78 -35.00 28.73 11.20
C ASP E 78 -34.25 29.69 10.28
N LEU E 79 -33.38 29.17 9.41
CA LEU E 79 -32.62 30.04 8.51
C LEU E 79 -33.52 30.64 7.44
N THR E 80 -33.25 31.90 7.09
CA THR E 80 -33.93 32.52 5.96
C THR E 80 -33.27 32.09 4.64
N VAL E 81 -34.03 32.29 3.55
CA VAL E 81 -33.49 32.09 2.21
C VAL E 81 -32.21 32.90 2.01
N GLY E 82 -32.23 34.18 2.38
CA GLY E 82 -31.05 35.01 2.18
C GLY E 82 -29.84 34.47 2.91
N GLN E 83 -30.03 33.97 4.13
CA GLN E 83 -28.94 33.37 4.89
C GLN E 83 -28.42 32.11 4.21
N PHE E 84 -29.32 31.25 3.70
CA PHE E 84 -28.88 30.05 3.00
C PHE E 84 -28.10 30.42 1.75
N VAL E 85 -28.56 31.45 1.04
CA VAL E 85 -27.85 31.93 -0.14
C VAL E 85 -26.44 32.37 0.24
N TYR E 86 -26.29 33.06 1.37
CA TYR E 86 -24.96 33.45 1.81
C TYR E 86 -24.12 32.21 2.14
N VAL E 87 -24.73 31.18 2.69
CA VAL E 87 -23.99 29.94 2.95
C VAL E 87 -23.43 29.39 1.63
N ILE E 88 -24.27 29.38 0.60
CA ILE E 88 -23.82 28.91 -0.72
C ILE E 88 -22.66 29.78 -1.23
N ARG E 89 -22.85 31.10 -1.16
CA ARG E 89 -21.81 32.02 -1.63
C ARG E 89 -20.47 31.76 -0.95
N LYS E 90 -20.47 31.66 0.38
CA LYS E 90 -19.22 31.43 1.10
C LYS E 90 -18.64 30.05 0.79
N ARG E 91 -19.49 29.06 0.55
CA ARG E 91 -18.99 27.74 0.18
C ARG E 91 -18.26 27.77 -1.15
N ILE E 92 -18.85 28.41 -2.16
CA ILE E 92 -18.20 28.49 -3.47
C ILE E 92 -17.27 29.70 -3.60
N MET E 93 -17.28 30.61 -2.63
CA MET E 93 -16.41 31.79 -2.62
C MET E 93 -16.68 32.69 -3.84
N LEU E 94 -17.95 32.98 -4.08
CA LEU E 94 -18.31 33.96 -5.10
C LEU E 94 -18.16 35.35 -4.51
N PRO E 95 -17.40 36.23 -5.15
CA PRO E 95 -17.19 37.57 -4.58
C PRO E 95 -18.50 38.33 -4.50
N PRO E 96 -18.65 39.20 -3.50
CA PRO E 96 -19.96 39.82 -3.26
C PRO E 96 -20.44 40.69 -4.41
N GLU E 97 -19.53 41.24 -5.21
CA GLU E 97 -19.89 42.08 -6.35
C GLU E 97 -20.63 41.29 -7.43
N LYS E 98 -20.59 39.96 -7.37
CA LYS E 98 -21.26 39.11 -8.32
C LYS E 98 -22.60 38.64 -7.76
N ALA E 99 -23.64 38.70 -8.59
CA ALA E 99 -24.96 38.27 -8.17
C ALA E 99 -25.03 36.75 -8.12
N ILE E 100 -25.87 36.25 -7.20
CA ILE E 100 -26.15 34.83 -7.07
C ILE E 100 -27.66 34.67 -7.02
N PHE E 101 -28.16 33.62 -7.65
CA PHE E 101 -29.59 33.30 -7.68
C PHE E 101 -29.76 31.84 -7.31
N ILE E 102 -30.88 31.53 -6.66
CA ILE E 102 -31.27 30.15 -6.43
C ILE E 102 -32.71 29.95 -6.90
N PHE E 103 -33.02 28.71 -7.26
CA PHE E 103 -34.30 28.36 -7.85
C PHE E 103 -34.85 27.11 -7.17
N VAL E 104 -36.11 27.20 -6.74
CA VAL E 104 -36.94 26.07 -6.36
C VAL E 104 -38.17 26.06 -7.27
N ASN E 105 -38.34 24.95 -8.01
CA ASN E 105 -39.41 24.82 -9.00
C ASN E 105 -39.44 26.00 -9.95
N ASP E 106 -38.23 26.45 -10.34
CA ASP E 106 -38.02 27.44 -11.39
C ASP E 106 -38.49 28.83 -10.98
N THR E 107 -38.48 29.12 -9.68
CA THR E 107 -38.85 30.42 -9.15
C THR E 107 -37.81 30.86 -8.13
N LEU E 108 -37.58 32.17 -8.08
CA LEU E 108 -36.67 32.75 -7.12
C LEU E 108 -37.40 32.87 -5.79
N PRO E 109 -37.06 32.07 -4.78
CA PRO E 109 -37.79 32.17 -3.51
C PRO E 109 -37.44 33.46 -2.79
N PRO E 110 -38.39 34.03 -2.04
CA PRO E 110 -38.13 35.31 -1.38
C PRO E 110 -37.07 35.21 -0.29
N THR E 111 -36.30 36.30 -0.15
CA THR E 111 -35.20 36.34 0.81
C THR E 111 -35.66 36.04 2.23
N ALA E 112 -36.79 36.61 2.64
CA ALA E 112 -37.23 36.52 4.04
C ALA E 112 -38.11 35.31 4.33
N ALA E 113 -38.32 34.43 3.36
CA ALA E 113 -38.98 33.17 3.65
C ALA E 113 -38.07 32.26 4.46
N LEU E 114 -38.67 31.52 5.38
CA LEU E 114 -37.92 30.53 6.15
C LEU E 114 -37.73 29.28 5.32
N MET E 115 -36.52 28.72 5.40
CA MET E 115 -36.22 27.50 4.66
C MET E 115 -37.19 26.37 5.01
N SER E 116 -37.67 26.33 6.26
CA SER E 116 -38.65 25.32 6.64
C SER E 116 -39.94 25.46 5.85
N ALA E 117 -40.38 26.70 5.61
CA ALA E 117 -41.61 26.91 4.85
C ALA E 117 -41.41 26.55 3.38
N ILE E 118 -40.27 26.93 2.82
CA ILE E 118 -39.94 26.57 1.45
C ILE E 118 -39.91 25.05 1.31
N TYR E 119 -39.37 24.37 2.31
CA TYR E 119 -39.34 22.91 2.30
C TYR E 119 -40.76 22.34 2.33
N GLN E 120 -41.58 22.84 3.26
CA GLN E 120 -42.95 22.35 3.38
C GLN E 120 -43.69 22.48 2.06
N GLU E 121 -43.48 23.58 1.33
CA GLU E 121 -44.22 23.73 0.08
C GLU E 121 -43.60 22.99 -1.09
N HIS E 122 -42.28 22.84 -1.12
CA HIS E 122 -41.60 22.46 -2.35
C HIS E 122 -40.79 21.18 -2.29
N LYS E 123 -40.82 20.46 -1.16
CA LYS E 123 -40.05 19.23 -1.03
C LYS E 123 -40.38 18.23 -2.15
N ASP E 124 -39.36 17.52 -2.60
CA ASP E 124 -39.50 16.53 -3.66
C ASP E 124 -40.30 15.32 -3.17
N LYS E 125 -40.73 14.49 -4.11
CA LYS E 125 -41.34 13.22 -3.77
C LYS E 125 -40.40 12.34 -2.96
N ASP E 126 -39.09 12.54 -3.08
CA ASP E 126 -38.12 11.72 -2.38
C ASP E 126 -37.70 12.30 -1.02
N GLY E 127 -38.29 13.42 -0.60
CA GLY E 127 -38.01 13.98 0.70
C GLY E 127 -36.95 15.06 0.74
N PHE E 128 -36.16 15.22 -0.32
CA PHE E 128 -35.18 16.29 -0.37
C PHE E 128 -35.77 17.56 -0.94
N LEU E 129 -35.13 18.68 -0.62
CA LEU E 129 -35.41 19.95 -1.27
C LEU E 129 -34.33 20.23 -2.31
N TYR E 130 -34.73 20.30 -3.57
CA TYR E 130 -33.78 20.51 -4.66
C TYR E 130 -33.67 22.01 -4.97
N VAL E 131 -32.45 22.53 -4.93
CA VAL E 131 -32.16 23.93 -5.16
C VAL E 131 -31.11 24.06 -6.26
N THR E 132 -31.37 24.92 -7.23
CA THR E 132 -30.39 25.24 -8.27
C THR E 132 -29.80 26.62 -8.03
N TYR E 133 -28.49 26.76 -8.15
CA TYR E 133 -27.88 28.08 -8.04
C TYR E 133 -27.27 28.48 -9.38
N SER E 134 -27.19 29.80 -9.58
CA SER E 134 -26.78 30.35 -10.87
C SER E 134 -26.23 31.76 -10.68
N GLY E 135 -25.46 32.21 -11.68
CA GLY E 135 -24.98 33.57 -11.70
C GLY E 135 -25.86 34.47 -12.54
N GLU E 136 -26.82 33.87 -13.23
CA GLU E 136 -27.74 34.60 -14.09
C GLU E 136 -29.17 34.19 -13.79
N ASN E 137 -30.11 35.00 -14.27
CA ASN E 137 -31.54 34.69 -14.21
C ASN E 137 -32.10 34.89 -15.62
N THR E 138 -32.16 33.81 -16.38
CA THR E 138 -32.63 33.89 -17.77
C THR E 138 -34.11 33.53 -17.88
N GLY F 1 18.62 -29.38 14.30
CA GLY F 1 19.17 -29.31 12.96
C GLY F 1 19.85 -30.61 12.56
N PRO F 2 19.20 -31.38 11.69
CA PRO F 2 19.77 -32.68 11.28
C PRO F 2 21.02 -32.51 10.44
N GLU F 3 21.87 -33.53 10.50
CA GLU F 3 23.14 -33.50 9.79
C GLU F 3 22.91 -33.54 8.28
N GLU F 4 23.62 -32.67 7.56
CA GLU F 4 23.58 -32.71 6.09
C GLU F 4 23.98 -34.08 5.58
N SER F 5 23.21 -34.57 4.61
CA SER F 5 23.46 -35.88 4.01
C SER F 5 24.33 -35.74 2.77
N TRP F 6 25.08 -36.79 2.48
CA TRP F 6 25.90 -36.84 1.27
C TRP F 6 25.05 -37.29 0.09
N GLU F 7 25.11 -36.52 -1.00
CA GLU F 7 24.36 -36.79 -2.21
C GLU F 7 25.32 -36.75 -3.40
N ASP F 8 25.20 -37.76 -4.26
CA ASP F 8 26.03 -37.90 -5.46
C ASP F 8 25.43 -37.12 -6.63
N ASP F 9 25.31 -35.80 -6.44
CA ASP F 9 24.53 -34.94 -7.33
C ASP F 9 25.38 -34.16 -8.32
N ILE F 10 26.69 -34.41 -8.41
CA ILE F 10 27.55 -33.69 -9.35
C ILE F 10 27.83 -34.50 -10.61
N ALA F 11 28.13 -35.79 -10.45
CA ALA F 11 28.57 -36.58 -11.60
C ALA F 11 27.47 -36.73 -12.63
N GLY F 12 26.22 -36.81 -12.18
CA GLY F 12 25.06 -36.89 -13.05
C GLY F 12 25.02 -35.94 -14.24
N GLN F 13 25.55 -34.73 -14.08
CA GLN F 13 25.17 -33.65 -14.98
C GLN F 13 25.82 -33.77 -16.35
N ARG F 14 25.21 -33.07 -17.32
CA ARG F 14 25.54 -33.28 -18.73
C ARG F 14 26.81 -32.56 -19.13
N THR F 15 27.03 -31.36 -18.62
CA THR F 15 28.25 -30.62 -18.93
C THR F 15 28.89 -30.15 -17.64
N PHE F 16 30.19 -29.86 -17.72
CA PHE F 16 30.98 -29.41 -16.57
C PHE F 16 31.84 -28.26 -17.05
N PRO F 17 31.31 -27.05 -17.08
CA PRO F 17 32.10 -25.90 -17.55
C PRO F 17 33.09 -25.42 -16.51
N GLU F 18 34.17 -24.83 -17.00
CA GLU F 18 35.15 -24.18 -16.15
C GLU F 18 34.59 -22.86 -15.67
N ASP F 19 34.99 -22.45 -14.46
CA ASP F 19 34.47 -21.21 -13.92
C ASP F 19 34.86 -20.05 -14.84
N PRO F 20 33.94 -19.14 -15.14
CA PRO F 20 34.24 -18.06 -16.08
C PRO F 20 35.02 -16.90 -15.47
N ASN F 21 35.20 -16.87 -14.15
CA ASN F 21 35.83 -15.75 -13.48
C ASN F 21 36.47 -16.28 -12.20
N TYR F 22 37.47 -17.15 -12.37
CA TYR F 22 38.30 -17.62 -11.26
C TYR F 22 39.72 -17.19 -11.59
N PRO F 23 40.14 -15.99 -11.14
CA PRO F 23 41.37 -15.40 -11.68
C PRO F 23 42.60 -15.74 -10.85
N VAL F 24 43.27 -16.83 -11.20
CA VAL F 24 44.53 -17.20 -10.58
C VAL F 24 45.65 -16.79 -11.52
N MET F 25 46.62 -16.05 -10.99
CA MET F 25 47.79 -15.69 -11.78
C MET F 25 48.55 -16.93 -12.19
N LYS F 26 48.58 -17.21 -13.49
CA LYS F 26 49.53 -18.17 -14.03
C LYS F 26 50.83 -17.43 -14.29
N SER F 27 51.89 -17.85 -13.61
CA SER F 27 53.19 -17.21 -13.74
C SER F 27 54.29 -18.24 -13.58
N THR F 28 55.37 -18.06 -14.32
CA THR F 28 56.52 -18.92 -14.16
C THR F 28 57.28 -18.57 -12.88
N PHE F 29 57.93 -19.58 -12.31
CA PHE F 29 58.68 -19.39 -11.08
C PHE F 29 59.72 -18.28 -11.23
N LYS F 30 60.46 -18.28 -12.34
CA LYS F 30 61.48 -17.25 -12.55
C LYS F 30 60.86 -15.85 -12.60
N SER F 31 59.69 -15.71 -13.21
CA SER F 31 59.11 -14.39 -13.35
C SER F 31 58.59 -13.85 -12.02
N GLU F 32 58.23 -14.73 -11.09
CA GLU F 32 57.74 -14.26 -9.79
C GLU F 32 58.84 -13.90 -8.82
N TYR F 33 60.03 -14.46 -8.98
CA TYR F 33 61.06 -14.27 -7.99
C TYR F 33 62.35 -13.81 -8.66
N PRO F 34 63.00 -12.78 -8.15
CA PRO F 34 64.25 -12.29 -8.74
C PRO F 34 65.40 -13.27 -8.54
N PHE F 35 66.43 -13.09 -9.37
CA PHE F 35 67.60 -13.97 -9.31
C PHE F 35 68.19 -14.04 -7.92
N GLU F 36 68.29 -12.90 -7.23
CA GLU F 36 68.89 -12.89 -5.90
C GLU F 36 68.11 -13.81 -4.96
N LYS F 37 66.79 -13.69 -4.95
CA LYS F 37 65.97 -14.55 -4.10
C LYS F 37 66.09 -16.02 -4.50
N ARG F 38 66.12 -16.30 -5.80
CA ARG F 38 66.22 -17.68 -6.27
C ARG F 38 67.54 -18.32 -5.86
N LYS F 39 68.65 -17.65 -6.20
CA LYS F 39 69.97 -18.11 -5.80
C LYS F 39 70.08 -18.28 -4.29
N ALA F 40 69.52 -17.34 -3.53
CA ALA F 40 69.50 -17.43 -2.08
C ALA F 40 68.78 -18.69 -1.62
N GLU F 41 67.63 -18.97 -2.21
CA GLU F 41 66.82 -20.12 -1.82
C GLU F 41 67.56 -21.42 -2.14
N SER F 42 68.10 -21.52 -3.35
CA SER F 42 68.83 -22.73 -3.75
C SER F 42 70.03 -22.96 -2.86
N GLU F 43 70.72 -21.90 -2.44
CA GLU F 43 71.87 -22.08 -1.54
C GLU F 43 71.42 -22.55 -0.15
N ARG F 44 70.33 -21.98 0.38
CA ARG F 44 69.83 -22.50 1.64
C ARG F 44 69.52 -23.98 1.53
N ILE F 45 68.93 -24.39 0.40
CA ILE F 45 68.59 -25.80 0.21
C ILE F 45 69.86 -26.64 0.13
N ALA F 46 70.87 -26.15 -0.59
CA ALA F 46 72.13 -26.86 -0.72
C ALA F 46 72.76 -27.12 0.64
N ASP F 47 72.57 -26.22 1.59
CA ASP F 47 73.05 -26.53 2.94
C ASP F 47 72.09 -27.47 3.68
N ARG F 48 70.77 -27.29 3.52
CA ARG F 48 69.84 -28.06 4.33
C ARG F 48 69.54 -29.44 3.74
N PHE F 49 69.55 -29.60 2.42
CA PHE F 49 69.28 -30.89 1.78
C PHE F 49 70.45 -31.23 0.87
N PRO F 50 71.57 -31.70 1.44
CA PRO F 50 72.77 -31.94 0.62
C PRO F 50 72.67 -33.12 -0.36
N ASN F 51 71.84 -34.12 -0.11
CA ASN F 51 71.72 -35.26 -1.01
C ASN F 51 70.43 -35.20 -1.83
N ARG F 52 69.96 -33.99 -2.11
CA ARG F 52 68.75 -33.79 -2.87
C ARG F 52 69.03 -32.77 -3.97
N ILE F 53 68.50 -33.04 -5.15
CA ILE F 53 68.64 -32.17 -6.31
C ILE F 53 67.42 -31.25 -6.33
N PRO F 54 67.59 -29.93 -6.26
CA PRO F 54 66.43 -29.01 -6.23
C PRO F 54 65.95 -28.69 -7.64
N VAL F 55 64.78 -29.23 -7.98
CA VAL F 55 64.21 -29.11 -9.32
C VAL F 55 62.98 -28.20 -9.25
N ILE F 56 62.92 -27.23 -10.15
CA ILE F 56 61.71 -26.44 -10.39
C ILE F 56 61.04 -27.02 -11.63
N CYS F 57 59.89 -27.68 -11.45
CA CYS F 57 59.21 -28.41 -12.52
C CYS F 57 57.86 -27.77 -12.81
N GLU F 58 57.68 -27.28 -14.03
CA GLU F 58 56.48 -26.56 -14.43
C GLU F 58 55.93 -27.14 -15.73
N LYS F 59 54.65 -26.88 -15.98
CA LYS F 59 53.98 -27.38 -17.17
C LYS F 59 54.31 -26.53 -18.38
N ALA F 60 54.53 -27.19 -19.52
CA ALA F 60 54.62 -26.47 -20.78
C ALA F 60 53.32 -25.71 -21.03
N GLU F 61 53.47 -24.48 -21.54
CA GLU F 61 52.32 -23.56 -21.58
C GLU F 61 51.21 -24.08 -22.49
N LYS F 62 51.56 -24.55 -23.68
CA LYS F 62 50.55 -24.89 -24.69
C LYS F 62 49.96 -26.29 -24.49
N SER F 63 50.34 -27.02 -23.46
CA SER F 63 49.94 -28.41 -23.29
C SER F 63 48.72 -28.51 -22.38
N ASP F 64 47.79 -29.40 -22.73
CA ASP F 64 46.55 -29.60 -21.99
C ASP F 64 46.65 -30.66 -20.90
N ILE F 65 47.86 -31.13 -20.59
CA ILE F 65 48.14 -32.06 -19.49
C ILE F 65 47.78 -31.35 -18.18
N PRO F 66 47.37 -32.07 -17.13
CA PRO F 66 47.02 -31.39 -15.88
C PRO F 66 48.17 -30.58 -15.27
N GLU F 67 47.78 -29.51 -14.58
CA GLU F 67 48.70 -28.73 -13.76
C GLU F 67 48.69 -29.31 -12.34
N ILE F 68 49.57 -28.79 -11.49
CA ILE F 68 49.53 -29.10 -10.06
C ILE F 68 50.19 -27.94 -9.33
N ASP F 69 49.88 -27.80 -8.03
CA ASP F 69 50.39 -26.67 -7.26
C ASP F 69 51.80 -26.88 -6.75
N LYS F 70 52.32 -28.10 -6.77
CA LYS F 70 53.73 -28.35 -6.45
C LYS F 70 54.58 -28.13 -7.71
N ARG F 71 55.55 -27.23 -7.62
CA ARG F 71 56.59 -27.12 -8.63
C ARG F 71 57.99 -27.27 -8.04
N LYS F 72 58.11 -27.34 -6.73
CA LYS F 72 59.41 -27.54 -6.07
C LYS F 72 59.55 -29.02 -5.74
N TYR F 73 60.56 -29.66 -6.31
CA TYR F 73 60.81 -31.08 -6.14
C TYR F 73 62.21 -31.30 -5.59
N LEU F 74 62.30 -32.02 -4.47
CA LEU F 74 63.57 -32.32 -3.82
C LEU F 74 63.92 -33.76 -4.19
N VAL F 75 64.70 -33.94 -5.25
CA VAL F 75 64.87 -35.25 -5.89
C VAL F 75 66.06 -36.01 -5.28
N PRO F 76 65.89 -37.25 -4.84
CA PRO F 76 67.05 -38.04 -4.43
C PRO F 76 68.09 -38.14 -5.54
N ALA F 77 69.36 -37.99 -5.15
CA ALA F 77 70.44 -37.86 -6.14
C ALA F 77 70.57 -39.10 -7.01
N ASP F 78 70.26 -40.28 -6.48
CA ASP F 78 70.41 -41.52 -7.24
C ASP F 78 69.25 -41.81 -8.18
N LEU F 79 68.20 -40.98 -8.18
CA LEU F 79 67.07 -41.25 -9.06
C LEU F 79 67.45 -41.06 -10.52
N THR F 80 66.92 -41.94 -11.37
CA THR F 80 67.06 -41.73 -12.80
C THR F 80 66.02 -40.73 -13.28
N VAL F 81 66.24 -40.23 -14.50
CA VAL F 81 65.27 -39.36 -15.14
C VAL F 81 63.89 -40.00 -15.13
N GLY F 82 63.82 -41.28 -15.54
CA GLY F 82 62.53 -41.96 -15.61
C GLY F 82 61.81 -42.06 -14.27
N GLN F 83 62.56 -42.32 -13.20
CA GLN F 83 61.95 -42.40 -11.87
C GLN F 83 61.36 -41.04 -11.47
N PHE F 84 62.09 -39.96 -11.75
CA PHE F 84 61.58 -38.63 -11.48
C PHE F 84 60.33 -38.34 -12.31
N VAL F 85 60.35 -38.76 -13.58
CA VAL F 85 59.18 -38.60 -14.44
C VAL F 85 57.97 -39.30 -13.84
N TYR F 86 58.16 -40.51 -13.30
CA TYR F 86 57.06 -41.20 -12.64
C TYR F 86 56.57 -40.42 -11.43
N VAL F 87 57.49 -39.81 -10.68
CA VAL F 87 57.08 -38.96 -9.56
C VAL F 87 56.17 -37.85 -10.05
N ILE F 88 56.54 -37.19 -11.15
CA ILE F 88 55.69 -36.15 -11.72
C ILE F 88 54.34 -36.72 -12.12
N ARG F 89 54.35 -37.85 -12.84
CA ARG F 89 53.12 -38.49 -13.29
C ARG F 89 52.16 -38.75 -12.14
N LYS F 90 52.68 -39.17 -10.99
CA LYS F 90 51.82 -39.47 -9.86
C LYS F 90 51.39 -38.23 -9.08
N ARG F 91 52.24 -37.22 -9.00
CA ARG F 91 51.83 -35.97 -8.34
C ARG F 91 50.66 -35.33 -9.07
N ILE F 92 50.73 -35.29 -10.41
CA ILE F 92 49.64 -34.69 -11.20
C ILE F 92 48.55 -35.69 -11.56
N MET F 93 48.73 -36.98 -11.27
CA MET F 93 47.73 -38.03 -11.51
C MET F 93 47.38 -38.17 -13.00
N LEU F 94 48.41 -38.19 -13.84
CA LEU F 94 48.18 -38.46 -15.26
C LEU F 94 48.10 -39.97 -15.47
N PRO F 95 47.02 -40.49 -16.07
CA PRO F 95 46.88 -41.94 -16.19
C PRO F 95 47.97 -42.51 -17.08
N PRO F 96 48.42 -43.74 -16.80
CA PRO F 96 49.59 -44.29 -17.52
C PRO F 96 49.39 -44.45 -19.01
N GLU F 97 48.15 -44.59 -19.49
CA GLU F 97 47.91 -44.76 -20.91
C GLU F 97 48.31 -43.53 -21.70
N LYS F 98 48.48 -42.40 -21.03
CA LYS F 98 48.84 -41.14 -21.68
C LYS F 98 50.33 -40.88 -21.52
N ALA F 99 50.95 -40.41 -22.59
CA ALA F 99 52.39 -40.18 -22.57
C ALA F 99 52.69 -38.90 -21.82
N ILE F 100 53.86 -38.87 -21.18
CA ILE F 100 54.37 -37.69 -20.51
C ILE F 100 55.82 -37.48 -20.97
N PHE F 101 56.20 -36.21 -21.14
CA PHE F 101 57.54 -35.83 -21.55
C PHE F 101 58.05 -34.74 -20.62
N ILE F 102 59.37 -34.70 -20.42
CA ILE F 102 59.98 -33.59 -19.72
C ILE F 102 61.14 -33.06 -20.56
N PHE F 103 61.46 -31.80 -20.33
CA PHE F 103 62.45 -31.05 -21.09
C PHE F 103 63.35 -30.28 -20.13
N VAL F 104 64.65 -30.38 -20.38
CA VAL F 104 65.66 -29.48 -19.82
C VAL F 104 66.24 -28.71 -20.99
N ASN F 105 66.03 -27.39 -20.98
CA ASN F 105 66.46 -26.50 -22.06
C ASN F 105 66.01 -27.05 -23.41
N ASP F 106 64.72 -27.34 -23.51
CA ASP F 106 64.07 -27.76 -24.76
C ASP F 106 64.71 -29.01 -25.36
N THR F 107 65.26 -29.89 -24.52
CA THR F 107 65.75 -31.19 -24.97
C THR F 107 65.26 -32.27 -24.02
N LEU F 108 64.93 -33.42 -24.61
CA LEU F 108 64.36 -34.59 -23.96
C LEU F 108 65.46 -35.45 -23.34
N PRO F 109 65.59 -35.48 -22.01
CA PRO F 109 66.68 -36.25 -21.36
C PRO F 109 66.43 -37.74 -21.41
N PRO F 110 67.49 -38.55 -21.55
CA PRO F 110 67.30 -40.01 -21.59
C PRO F 110 66.84 -40.59 -20.26
N THR F 111 66.02 -41.64 -20.35
CA THR F 111 65.42 -42.27 -19.18
C THR F 111 66.45 -42.73 -18.17
N ALA F 112 67.48 -43.44 -18.63
CA ALA F 112 68.45 -44.07 -17.73
C ALA F 112 69.53 -43.11 -17.24
N ALA F 113 69.44 -41.83 -17.59
CA ALA F 113 70.33 -40.83 -17.02
C ALA F 113 70.01 -40.59 -15.54
N LEU F 114 71.04 -40.37 -14.75
CA LEU F 114 70.86 -40.02 -13.35
C LEU F 114 70.55 -38.53 -13.23
N MET F 115 69.59 -38.20 -12.37
CA MET F 115 69.23 -36.79 -12.16
C MET F 115 70.42 -35.96 -11.69
N SER F 116 71.32 -36.56 -10.91
CA SER F 116 72.51 -35.84 -10.48
C SER F 116 73.36 -35.38 -11.66
N ALA F 117 73.47 -36.23 -12.69
CA ALA F 117 74.27 -35.88 -13.86
C ALA F 117 73.59 -34.78 -14.68
N ILE F 118 72.27 -34.91 -14.86
CA ILE F 118 71.52 -33.87 -15.54
C ILE F 118 71.68 -32.53 -14.81
N TYR F 119 71.66 -32.58 -13.47
CA TYR F 119 71.86 -31.35 -12.70
C TYR F 119 73.25 -30.78 -12.95
N GLN F 120 74.27 -31.63 -12.91
CA GLN F 120 75.64 -31.18 -13.17
C GLN F 120 75.72 -30.44 -14.50
N GLU F 121 75.03 -30.95 -15.51
CA GLU F 121 75.15 -30.35 -16.84
C GLU F 121 74.27 -29.13 -17.04
N HIS F 122 73.09 -29.10 -16.43
CA HIS F 122 72.06 -28.15 -16.83
C HIS F 122 71.57 -27.22 -15.72
N LYS F 123 72.15 -27.28 -14.53
CA LYS F 123 71.67 -26.42 -13.44
C LYS F 123 71.73 -24.95 -13.83
N ASP F 124 70.73 -24.19 -13.39
CA ASP F 124 70.69 -22.77 -13.67
C ASP F 124 71.77 -22.03 -12.88
N LYS F 125 72.12 -20.83 -13.38
CA LYS F 125 72.95 -19.92 -12.61
C LYS F 125 72.40 -19.71 -11.20
N ASP F 126 71.07 -19.79 -11.03
CA ASP F 126 70.47 -19.61 -9.72
C ASP F 126 70.52 -20.86 -8.86
N GLY F 127 71.10 -21.95 -9.35
CA GLY F 127 71.26 -23.17 -8.60
C GLY F 127 70.17 -24.21 -8.79
N PHE F 128 69.04 -23.83 -9.37
CA PHE F 128 67.98 -24.80 -9.61
C PHE F 128 68.12 -25.48 -10.96
N LEU F 129 67.52 -26.66 -11.06
CA LEU F 129 67.35 -27.36 -12.32
C LEU F 129 65.91 -27.15 -12.78
N TYR F 130 65.75 -26.50 -13.93
CA TYR F 130 64.42 -26.22 -14.44
C TYR F 130 63.99 -27.32 -15.41
N VAL F 131 62.83 -27.91 -15.13
CA VAL F 131 62.27 -28.97 -15.94
C VAL F 131 60.85 -28.58 -16.32
N THR F 132 60.52 -28.65 -17.60
CA THR F 132 59.15 -28.45 -18.03
C THR F 132 58.56 -29.81 -18.41
N TYR F 133 57.33 -30.06 -18.01
CA TYR F 133 56.65 -31.28 -18.41
C TYR F 133 55.51 -30.97 -19.36
N SER F 134 55.18 -31.95 -20.19
CA SER F 134 54.22 -31.76 -21.28
C SER F 134 53.68 -33.12 -21.71
N GLY F 135 52.56 -33.09 -22.42
CA GLY F 135 51.97 -34.27 -23.00
C GLY F 135 52.35 -34.51 -24.44
N GLU F 136 53.17 -33.63 -25.02
CA GLU F 136 53.71 -33.79 -26.37
C GLU F 136 55.22 -33.57 -26.30
N ASN F 137 55.93 -34.11 -27.28
CA ASN F 137 57.34 -33.80 -27.46
C ASN F 137 57.45 -32.74 -28.56
N THR F 138 57.90 -31.55 -28.18
CA THR F 138 57.95 -30.42 -29.11
C THR F 138 58.99 -30.65 -30.19
N GLY G 1 -17.18 8.00 -7.02
CA GLY G 1 -16.69 6.96 -6.14
C GLY G 1 -17.37 6.99 -4.78
N PRO G 2 -16.80 7.73 -3.83
CA PRO G 2 -17.45 7.86 -2.52
C PRO G 2 -18.57 8.88 -2.55
N GLU G 3 -19.66 8.55 -1.88
CA GLU G 3 -20.82 9.44 -1.82
C GLU G 3 -20.61 10.49 -0.74
N GLU G 4 -21.00 11.72 -1.05
CA GLU G 4 -20.89 12.80 -0.07
C GLU G 4 -21.75 12.49 1.16
N SER G 5 -21.17 12.70 2.32
CA SER G 5 -21.87 12.46 3.57
C SER G 5 -22.54 13.73 4.06
N TRP G 6 -23.61 13.56 4.83
CA TRP G 6 -24.31 14.68 5.43
C TRP G 6 -23.57 15.15 6.68
N GLU G 7 -23.33 16.45 6.76
CA GLU G 7 -22.62 17.08 7.86
C GLU G 7 -23.45 18.20 8.44
N ASP G 8 -23.56 18.23 9.77
CA ASP G 8 -24.29 19.29 10.45
C ASP G 8 -23.34 20.47 10.72
N ASP G 9 -22.84 21.03 9.61
CA ASP G 9 -21.75 22.01 9.69
C ASP G 9 -22.22 23.45 9.54
N ILE G 10 -23.52 23.70 9.46
CA ILE G 10 -24.01 25.07 9.35
C ILE G 10 -24.58 25.57 10.67
N ALA G 11 -25.12 24.66 11.48
CA ALA G 11 -25.78 25.08 12.70
C ALA G 11 -24.79 25.64 13.72
N GLY G 12 -23.58 25.11 13.75
CA GLY G 12 -22.56 25.57 14.68
C GLY G 12 -21.99 26.95 14.43
N GLN G 13 -22.46 27.64 13.38
CA GLN G 13 -21.86 28.90 12.98
C GLN G 13 -22.07 29.98 14.04
N ARG G 14 -21.05 30.83 14.20
CA ARG G 14 -21.16 31.97 15.11
C ARG G 14 -22.24 32.92 14.64
N THR G 15 -22.25 33.24 13.35
CA THR G 15 -23.22 34.14 12.74
C THR G 15 -23.90 33.55 11.51
N PHE G 16 -24.92 34.25 11.04
CA PHE G 16 -25.60 33.91 9.79
C PHE G 16 -25.97 35.19 9.05
N PRO G 17 -25.08 35.77 8.24
CA PRO G 17 -25.44 37.00 7.53
C PRO G 17 -26.37 36.74 6.35
N GLU G 18 -27.16 37.75 6.02
CA GLU G 18 -28.01 37.70 4.84
C GLU G 18 -27.11 37.89 3.63
N ASP G 19 -27.46 37.24 2.52
CA ASP G 19 -26.61 37.39 1.34
C ASP G 19 -26.63 38.85 0.86
N PRO G 20 -25.46 39.41 0.51
CA PRO G 20 -25.42 40.83 0.12
C PRO G 20 -25.79 41.10 -1.32
N ASN G 21 -25.96 40.08 -2.17
CA ASN G 21 -26.18 40.37 -3.57
C ASN G 21 -26.99 39.22 -4.18
N TYR G 22 -28.22 39.09 -3.70
CA TYR G 22 -29.21 38.16 -4.23
C TYR G 22 -30.36 39.02 -4.74
N PRO G 23 -30.36 39.37 -6.02
CA PRO G 23 -31.23 40.45 -6.52
C PRO G 23 -32.60 39.96 -6.96
N VAL G 24 -33.39 39.54 -5.99
CA VAL G 24 -34.76 39.14 -6.19
C VAL G 24 -35.63 40.33 -5.79
N MET G 25 -36.65 40.62 -6.58
CA MET G 25 -37.53 41.75 -6.35
C MET G 25 -38.94 41.24 -6.18
N LYS G 26 -39.54 41.50 -5.01
CA LYS G 26 -40.92 41.17 -4.76
C LYS G 26 -41.79 42.36 -5.14
N SER G 27 -42.67 42.15 -6.11
CA SER G 27 -43.57 43.20 -6.56
C SER G 27 -44.92 43.08 -5.87
N THR G 28 -45.58 44.23 -5.70
CA THR G 28 -46.97 44.26 -5.29
C THR G 28 -47.81 43.52 -6.33
N PHE G 29 -48.83 42.79 -5.87
CA PHE G 29 -49.69 42.07 -6.80
C PHE G 29 -50.37 43.03 -7.78
N LYS G 30 -50.93 44.14 -7.26
CA LYS G 30 -51.60 45.11 -8.11
C LYS G 30 -50.63 45.68 -9.14
N SER G 31 -49.37 45.89 -8.74
CA SER G 31 -48.39 46.48 -9.65
C SER G 31 -47.99 45.53 -10.76
N GLU G 32 -48.14 44.21 -10.56
CA GLU G 32 -47.76 43.26 -11.59
C GLU G 32 -48.85 43.07 -12.64
N TYR G 33 -50.11 43.30 -12.31
CA TYR G 33 -51.19 43.01 -13.24
C TYR G 33 -52.14 44.19 -13.38
N PRO G 34 -52.55 44.50 -14.60
CA PRO G 34 -53.50 45.61 -14.79
C PRO G 34 -54.87 45.27 -14.20
N PHE G 35 -55.66 46.34 -13.99
CA PHE G 35 -56.95 46.21 -13.34
C PHE G 35 -57.85 45.18 -14.03
N GLU G 36 -58.08 45.35 -15.34
CA GLU G 36 -59.04 44.50 -16.01
C GLU G 36 -58.63 43.03 -15.96
N LYS G 37 -57.33 42.74 -16.01
CA LYS G 37 -56.88 41.36 -15.82
C LYS G 37 -57.23 40.85 -14.42
N ARG G 38 -56.97 41.66 -13.39
CA ARG G 38 -57.27 41.23 -12.03
C ARG G 38 -58.77 41.04 -11.81
N LYS G 39 -59.58 41.90 -12.41
CA LYS G 39 -61.03 41.78 -12.27
C LYS G 39 -61.53 40.53 -12.97
N ALA G 40 -61.07 40.31 -14.21
CA ALA G 40 -61.34 39.05 -14.89
C ALA G 40 -60.93 37.86 -14.04
N GLU G 41 -59.77 37.93 -13.40
CA GLU G 41 -59.28 36.82 -12.59
C GLU G 41 -60.18 36.57 -11.38
N SER G 42 -60.53 37.61 -10.64
CA SER G 42 -61.37 37.43 -9.47
C SER G 42 -62.72 36.84 -9.86
N GLU G 43 -63.29 37.31 -10.97
CA GLU G 43 -64.53 36.74 -11.48
C GLU G 43 -64.36 35.27 -11.85
N ARG G 44 -63.31 34.97 -12.64
CA ARG G 44 -63.05 33.60 -13.08
C ARG G 44 -62.91 32.65 -11.91
N ILE G 45 -62.14 33.05 -10.91
CA ILE G 45 -61.90 32.20 -9.74
C ILE G 45 -63.15 32.05 -8.90
N ALA G 46 -63.90 33.15 -8.71
CA ALA G 46 -65.14 33.05 -7.97
C ALA G 46 -66.08 32.05 -8.62
N ASP G 47 -66.24 32.15 -9.94
CA ASP G 47 -67.09 31.19 -10.65
C ASP G 47 -66.57 29.76 -10.50
N ARG G 48 -65.26 29.57 -10.64
CA ARG G 48 -64.70 28.22 -10.61
C ARG G 48 -64.79 27.58 -9.23
N PHE G 49 -64.71 28.38 -8.16
CA PHE G 49 -64.65 27.87 -6.79
C PHE G 49 -65.73 28.50 -5.92
N PRO G 50 -66.96 28.00 -6.00
CA PRO G 50 -68.02 28.58 -5.17
C PRO G 50 -67.75 28.33 -3.69
N ASN G 51 -68.28 29.22 -2.85
CA ASN G 51 -68.06 29.23 -1.40
C ASN G 51 -66.62 29.55 -1.02
N ARG G 52 -65.88 30.24 -1.88
CA ARG G 52 -64.50 30.61 -1.59
C ARG G 52 -64.30 32.11 -1.77
N ILE G 53 -63.57 32.70 -0.85
CA ILE G 53 -63.14 34.10 -0.91
C ILE G 53 -61.73 34.14 -1.45
N PRO G 54 -61.49 34.78 -2.58
CA PRO G 54 -60.11 34.83 -3.11
C PRO G 54 -59.34 36.00 -2.54
N VAL G 55 -58.37 35.73 -1.66
CA VAL G 55 -57.66 36.80 -0.97
C VAL G 55 -56.24 36.87 -1.54
N ILE G 56 -55.79 38.09 -1.78
CA ILE G 56 -54.39 38.37 -2.09
C ILE G 56 -53.74 38.81 -0.80
N CYS G 57 -52.87 37.97 -0.25
CA CYS G 57 -52.28 38.21 1.06
C CYS G 57 -50.79 38.44 0.89
N GLU G 58 -50.33 39.63 1.23
CA GLU G 58 -48.95 40.07 1.04
C GLU G 58 -48.39 40.64 2.34
N LYS G 59 -47.07 40.64 2.45
CA LYS G 59 -46.40 41.13 3.64
C LYS G 59 -46.30 42.65 3.62
N ALA G 60 -46.50 43.26 4.78
CA ALA G 60 -46.19 44.68 4.93
C ALA G 60 -44.73 44.92 4.62
N GLU G 61 -44.44 46.02 3.91
CA GLU G 61 -43.11 46.25 3.38
C GLU G 61 -42.08 46.42 4.49
N LYS G 62 -42.43 47.10 5.58
CA LYS G 62 -41.47 47.48 6.60
C LYS G 62 -41.28 46.43 7.68
N SER G 63 -41.95 45.28 7.59
CA SER G 63 -41.92 44.27 8.64
C SER G 63 -40.90 43.20 8.32
N ASP G 64 -40.18 42.76 9.36
CA ASP G 64 -39.17 41.71 9.21
C ASP G 64 -39.75 40.33 9.47
N ILE G 65 -41.07 40.21 9.56
CA ILE G 65 -41.77 38.94 9.71
C ILE G 65 -41.42 38.10 8.49
N PRO G 66 -41.38 36.76 8.59
CA PRO G 66 -41.05 35.98 7.40
C PRO G 66 -42.04 36.22 6.27
N GLU G 67 -41.50 36.22 5.05
CA GLU G 67 -42.28 36.26 3.83
C GLU G 67 -42.54 34.83 3.35
N ILE G 68 -43.35 34.72 2.28
CA ILE G 68 -43.52 33.45 1.58
C ILE G 68 -43.96 33.76 0.15
N ASP G 69 -43.75 32.77 -0.73
CA ASP G 69 -43.99 32.94 -2.17
C ASP G 69 -45.46 32.74 -2.56
N LYS G 70 -46.27 32.15 -1.70
CA LYS G 70 -47.71 32.07 -1.92
C LYS G 70 -48.38 33.37 -1.47
N ARG G 71 -49.14 34.00 -2.37
CA ARG G 71 -50.01 35.09 -1.98
C ARG G 71 -51.48 34.92 -2.35
N LYS G 72 -51.84 33.89 -3.13
CA LYS G 72 -53.23 33.66 -3.51
C LYS G 72 -53.82 32.62 -2.57
N TYR G 73 -54.86 33.00 -1.83
CA TYR G 73 -55.48 32.13 -0.83
C TYR G 73 -56.96 31.97 -1.14
N LEU G 74 -57.40 30.73 -1.30
CA LEU G 74 -58.79 30.41 -1.58
C LEU G 74 -59.44 30.03 -0.25
N VAL G 75 -60.02 31.03 0.42
CA VAL G 75 -60.43 30.91 1.82
C VAL G 75 -61.88 30.44 1.94
N PRO G 76 -62.16 29.40 2.72
CA PRO G 76 -63.56 29.03 2.96
C PRO G 76 -64.35 30.20 3.54
N ALA G 77 -65.56 30.41 3.00
CA ALA G 77 -66.34 31.59 3.35
C ALA G 77 -66.71 31.60 4.83
N ASP G 78 -66.85 30.42 5.43
CA ASP G 78 -67.26 30.28 6.82
C ASP G 78 -66.12 30.44 7.82
N LEU G 79 -64.88 30.58 7.37
CA LEU G 79 -63.78 30.76 8.31
C LEU G 79 -63.81 32.14 8.97
N THR G 80 -63.42 32.17 10.23
CA THR G 80 -63.24 33.42 10.96
C THR G 80 -61.92 34.07 10.59
N VAL G 81 -61.81 35.35 10.94
CA VAL G 81 -60.54 36.06 10.82
C VAL G 81 -59.42 35.28 11.51
N GLY G 82 -59.65 34.86 12.77
CA GLY G 82 -58.62 34.16 13.52
C GLY G 82 -58.14 32.87 12.85
N GLN G 83 -59.07 32.09 12.31
CA GLN G 83 -58.71 30.86 11.63
C GLN G 83 -57.88 31.14 10.38
N PHE G 84 -58.29 32.13 9.60
CA PHE G 84 -57.51 32.52 8.42
C PHE G 84 -56.12 32.99 8.82
N VAL G 85 -56.03 33.74 9.92
CA VAL G 85 -54.74 34.19 10.43
C VAL G 85 -53.85 32.99 10.75
N TYR G 86 -54.42 31.97 11.39
CA TYR G 86 -53.63 30.77 11.67
C TYR G 86 -53.18 30.09 10.39
N VAL G 87 -54.02 30.11 9.35
CA VAL G 87 -53.61 29.57 8.06
C VAL G 87 -52.36 30.30 7.55
N ILE G 88 -52.38 31.63 7.64
CA ILE G 88 -51.22 32.42 7.24
C ILE G 88 -50.00 32.04 8.07
N ARG G 89 -50.18 31.99 9.39
CA ARG G 89 -49.10 31.62 10.31
C ARG G 89 -48.44 30.31 9.91
N LYS G 90 -49.24 29.25 9.79
CA LYS G 90 -48.72 27.95 9.43
C LYS G 90 -48.02 28.00 8.08
N ARG G 91 -48.53 28.80 7.15
CA ARG G 91 -47.91 28.88 5.83
C ARG G 91 -46.53 29.51 5.90
N ILE G 92 -46.38 30.61 6.64
CA ILE G 92 -45.09 31.29 6.73
C ILE G 92 -44.19 30.73 7.82
N MET G 93 -44.68 29.77 8.62
CA MET G 93 -43.91 29.13 9.69
C MET G 93 -43.47 30.14 10.74
N LEU G 94 -44.36 31.05 11.11
CA LEU G 94 -44.05 31.97 12.20
C LEU G 94 -44.29 31.28 13.54
N PRO G 95 -43.29 31.22 14.43
CA PRO G 95 -43.49 30.51 15.69
C PRO G 95 -44.57 31.19 16.51
N PRO G 96 -45.35 30.42 17.28
CA PRO G 96 -46.52 30.99 17.98
C PRO G 96 -46.17 32.08 18.98
N GLU G 97 -44.95 32.08 19.53
CA GLU G 97 -44.57 33.14 20.47
C GLU G 97 -44.54 34.51 19.79
N LYS G 98 -44.50 34.53 18.46
CA LYS G 98 -44.48 35.76 17.70
C LYS G 98 -45.91 36.17 17.33
N ALA G 99 -46.27 37.39 17.68
CA ALA G 99 -47.56 37.94 17.29
C ALA G 99 -47.61 38.12 15.78
N ILE G 100 -48.81 38.00 15.23
CA ILE G 100 -49.06 38.28 13.82
C ILE G 100 -50.27 39.19 13.72
N PHE G 101 -50.23 40.13 12.78
CA PHE G 101 -51.29 41.08 12.54
C PHE G 101 -51.63 41.09 11.06
N ILE G 102 -52.90 41.31 10.75
CA ILE G 102 -53.34 41.49 9.37
C ILE G 102 -54.20 42.75 9.27
N PHE G 103 -54.24 43.31 8.07
CA PHE G 103 -54.93 44.56 7.81
C PHE G 103 -55.75 44.40 6.53
N VAL G 104 -57.02 44.77 6.62
CA VAL G 104 -57.90 44.99 5.47
C VAL G 104 -58.32 46.46 5.56
N ASN G 105 -58.05 47.22 4.49
CA ASN G 105 -58.23 48.67 4.50
C ASN G 105 -57.50 49.30 5.69
N ASP G 106 -56.27 48.84 5.90
CA ASP G 106 -55.37 49.40 6.93
C ASP G 106 -56.00 49.36 8.32
N THR G 107 -56.93 48.44 8.54
CA THR G 107 -57.54 48.26 9.84
C THR G 107 -57.49 46.78 10.22
N LEU G 108 -57.31 46.54 11.52
CA LEU G 108 -57.15 45.23 12.12
C LEU G 108 -58.52 44.57 12.35
N PRO G 109 -58.88 43.54 11.57
CA PRO G 109 -60.22 42.93 11.74
C PRO G 109 -60.27 42.13 13.03
N PRO G 110 -61.39 42.17 13.74
CA PRO G 110 -61.48 41.40 14.98
C PRO G 110 -61.56 39.91 14.70
N THR G 111 -60.94 39.13 15.59
CA THR G 111 -61.19 37.69 15.56
C THR G 111 -62.68 37.45 15.77
N ALA G 112 -63.15 36.33 15.24
CA ALA G 112 -64.55 35.93 15.17
C ALA G 112 -65.37 36.77 14.20
N ALA G 113 -64.77 37.72 13.50
CA ALA G 113 -65.42 38.24 12.31
C ALA G 113 -65.32 37.16 11.24
N LEU G 114 -66.38 36.98 10.47
CA LEU G 114 -66.33 35.99 9.40
C LEU G 114 -65.66 36.57 8.16
N MET G 115 -64.83 35.75 7.52
CA MET G 115 -64.16 36.20 6.30
C MET G 115 -65.19 36.60 5.24
N SER G 116 -66.35 35.93 5.21
CA SER G 116 -67.39 36.32 4.28
C SER G 116 -67.88 37.74 4.57
N ALA G 117 -68.02 38.10 5.84
CA ALA G 117 -68.49 39.44 6.19
C ALA G 117 -67.42 40.49 5.91
N ILE G 118 -66.16 40.17 6.24
CA ILE G 118 -65.04 41.05 5.92
C ILE G 118 -64.97 41.30 4.43
N TYR G 119 -65.18 40.25 3.64
CA TYR G 119 -65.18 40.37 2.19
C TYR G 119 -66.34 41.24 1.72
N GLN G 120 -67.53 40.99 2.26
CA GLN G 120 -68.70 41.76 1.87
C GLN G 120 -68.46 43.25 2.01
N GLU G 121 -67.81 43.66 3.11
CA GLU G 121 -67.59 45.10 3.24
C GLU G 121 -66.32 45.63 2.57
N HIS G 122 -65.26 44.83 2.42
CA HIS G 122 -63.96 45.40 2.06
C HIS G 122 -63.38 44.91 0.73
N LYS G 123 -64.10 44.11 -0.04
CA LYS G 123 -63.55 43.61 -1.30
C LYS G 123 -63.10 44.75 -2.20
N ASP G 124 -62.01 44.52 -2.93
CA ASP G 124 -61.47 45.52 -3.84
C ASP G 124 -62.41 45.73 -5.03
N LYS G 125 -62.19 46.86 -5.72
CA LYS G 125 -62.92 47.12 -6.95
C LYS G 125 -62.69 46.01 -7.98
N ASP G 126 -61.58 45.27 -7.87
CA ASP G 126 -61.30 44.22 -8.82
C ASP G 126 -61.81 42.85 -8.38
N GLY G 127 -62.48 42.77 -7.24
CA GLY G 127 -63.08 41.53 -6.79
C GLY G 127 -62.27 40.72 -5.80
N PHE G 128 -60.98 41.02 -5.64
CA PHE G 128 -60.17 40.34 -4.64
C PHE G 128 -60.31 41.02 -3.29
N LEU G 129 -60.03 40.27 -2.23
CA LEU G 129 -59.87 40.84 -0.90
C LEU G 129 -58.39 40.94 -0.60
N TYR G 130 -57.91 42.16 -0.41
CA TYR G 130 -56.50 42.38 -0.17
C TYR G 130 -56.23 42.39 1.33
N VAL G 131 -55.29 41.54 1.75
CA VAL G 131 -54.92 41.39 3.15
C VAL G 131 -53.41 41.61 3.26
N THR G 132 -53.01 42.45 4.20
CA THR G 132 -51.60 42.67 4.52
C THR G 132 -51.30 41.99 5.85
N TYR G 133 -50.19 41.26 5.92
CA TYR G 133 -49.76 40.72 7.21
C TYR G 133 -48.43 41.36 7.63
N SER G 134 -48.21 41.35 8.94
CA SER G 134 -47.04 42.00 9.54
C SER G 134 -46.82 41.37 10.91
N GLY G 135 -45.59 41.48 11.39
CA GLY G 135 -45.24 41.01 12.73
C GLY G 135 -45.30 42.13 13.74
N GLU G 136 -45.36 43.36 13.25
CA GLU G 136 -45.49 44.55 14.08
C GLU G 136 -46.74 45.30 13.62
N ASN G 137 -47.73 45.39 14.51
CA ASN G 137 -48.88 46.26 14.30
C ASN G 137 -48.42 47.67 13.93
N THR G 138 -49.04 48.23 12.91
CA THR G 138 -48.67 49.56 12.41
C THR G 138 -49.86 50.51 12.44
#